data_8Q18
#
_entry.id   8Q18
#
_cell.length_a   152.100
_cell.length_b   152.100
_cell.length_c   171.670
_cell.angle_alpha   90.00
_cell.angle_beta   90.00
_cell.angle_gamma   120.00
#
_symmetry.space_group_name_H-M   'H 3'
#
loop_
_entity.id
_entity.type
_entity.pdbx_description
1 polymer 'Carbonic anhydrase 9'
2 non-polymer 'ZINC ION'
3 non-polymer 1,1,3-tris(oxidanylidene)-2-(2-phenylethyl)-1,2-benzothiazole-6-sulfonamide
4 non-polymer GLYCEROL
5 water water
#
_entity_poly.entity_id   1
_entity_poly.type   'polypeptide(L)'
_entity_poly.pdbx_seq_one_letter_code
;GPDQSHWRYGGDPPWPRVSPACAGRFQSPVDIRPQLAAFSPALRPLELLGFQLPPLPELRLRNNGHSVQLTLPPGLEMAL
GPGREYRALQLHLHWGAAGRPGSEHTVEGHRFPAEIHVVHLSTAFARVDEALGRPGGLAVLAAFLEEGPEENSAYEQLLS
RLEEIAEEGSETQVPGLDISALLPSDFSRYFQYEGSLTTPPCAQGVIWTVFQQTVMLSAKQLHTLSDTLWGPGDSRLQLN
FRATQPLNGRVIEASFP
;
_entity_poly.pdbx_strand_id   A,B,C,D
#
# COMPACT_ATOMS: atom_id res chain seq x y z
N TRP A 7 -2.44 -9.36 -23.23
CA TRP A 7 -1.75 -9.69 -24.51
C TRP A 7 -0.88 -10.94 -24.33
N ARG A 8 -0.88 -11.80 -25.36
CA ARG A 8 -0.12 -13.05 -25.36
C ARG A 8 0.72 -13.17 -26.63
N TYR A 9 1.81 -13.94 -26.54
CA TYR A 9 2.49 -14.50 -27.71
C TYR A 9 1.71 -15.72 -28.19
N GLY A 10 1.18 -15.68 -29.41
CA GLY A 10 0.40 -16.79 -29.97
C GLY A 10 -1.05 -16.40 -30.27
N GLY A 11 -1.78 -15.96 -29.24
CA GLY A 11 -3.23 -15.75 -29.32
C GLY A 11 -3.66 -14.32 -29.04
N ASP A 12 -4.99 -14.10 -29.08
CA ASP A 12 -5.64 -12.78 -29.03
C ASP A 12 -5.44 -12.15 -27.65
N PRO A 13 -5.68 -10.83 -27.46
CA PRO A 13 -6.12 -9.90 -28.51
C PRO A 13 -4.97 -9.37 -29.36
N PRO A 14 -5.24 -8.92 -30.63
CA PRO A 14 -4.17 -8.38 -31.47
C PRO A 14 -3.52 -7.15 -30.84
N TRP A 15 -2.22 -6.95 -31.15
CA TRP A 15 -1.38 -5.97 -30.47
C TRP A 15 -1.71 -4.53 -30.88
N PRO A 16 -2.07 -4.23 -32.15
CA PRO A 16 -2.67 -2.94 -32.53
C PRO A 16 -3.93 -2.52 -31.76
N ARG A 17 -4.77 -3.50 -31.33
CA ARG A 17 -5.91 -3.22 -30.46
C ARG A 17 -5.41 -2.71 -29.10
N VAL A 18 -4.42 -3.39 -28.52
CA VAL A 18 -3.80 -2.98 -27.26
C VAL A 18 -3.13 -1.61 -27.45
N SER A 19 -2.22 -1.52 -28.43
CA SER A 19 -1.39 -0.33 -28.61
C SER A 19 -1.28 0.02 -30.10
N PRO A 20 -1.76 1.24 -30.51
CA PRO A 20 -1.58 1.72 -31.88
C PRO A 20 -0.15 1.68 -32.44
N ALA A 21 0.86 1.85 -31.56
CA ALA A 21 2.26 1.89 -31.96
C ALA A 21 2.78 0.51 -32.41
N CYS A 22 2.02 -0.57 -32.09
CA CYS A 22 2.42 -1.92 -32.48
C CYS A 22 2.17 -2.15 -33.97
N ALA A 23 1.61 -1.14 -34.63
CA ALA A 23 1.41 -1.11 -36.07
C ALA A 23 2.28 -0.01 -36.70
N GLY A 24 3.32 0.45 -36.00
CA GLY A 24 4.29 1.36 -36.57
C GLY A 24 5.11 0.71 -37.70
N ARG A 25 5.76 1.55 -38.53
CA ARG A 25 6.54 1.06 -39.64
C ARG A 25 7.91 0.54 -39.19
N PHE A 26 8.38 1.03 -38.03
CA PHE A 26 9.78 0.83 -37.65
C PHE A 26 9.88 0.07 -36.34
N GLN A 27 9.52 -1.20 -36.41
CA GLN A 27 9.36 -2.10 -35.27
C GLN A 27 10.59 -3.00 -35.09
N SER A 28 10.65 -3.63 -33.92
CA SER A 28 11.67 -4.60 -33.56
C SER A 28 10.95 -5.88 -33.17
N PRO A 29 11.61 -7.07 -33.18
CA PRO A 29 12.98 -7.24 -33.66
C PRO A 29 13.10 -7.33 -35.18
N VAL A 30 14.32 -7.53 -35.67
CA VAL A 30 14.61 -7.58 -37.10
C VAL A 30 15.60 -8.71 -37.37
N ASP A 31 15.67 -9.07 -38.66
CA ASP A 31 16.71 -9.94 -39.19
C ASP A 31 17.90 -9.08 -39.57
N ILE A 32 19.04 -9.31 -38.91
CA ILE A 32 20.29 -8.64 -39.21
C ILE A 32 20.98 -9.40 -40.36
N ARG A 33 21.18 -8.72 -41.49
CA ARG A 33 21.93 -9.30 -42.60
C ARG A 33 23.27 -8.56 -42.65
N PRO A 34 24.36 -9.12 -42.10
CA PRO A 34 25.62 -8.37 -42.00
C PRO A 34 26.19 -7.85 -43.33
N GLN A 35 25.87 -8.50 -44.46
CA GLN A 35 26.29 -8.02 -45.79
C GLN A 35 25.78 -6.61 -46.04
N LEU A 36 24.51 -6.32 -45.65
CA LEU A 36 23.84 -5.07 -45.94
C LEU A 36 24.06 -4.01 -44.86
N ALA A 37 24.74 -4.36 -43.76
CA ALA A 37 24.95 -3.42 -42.68
C ALA A 37 25.94 -2.38 -43.17
N ALA A 38 25.78 -1.13 -42.73
CA ALA A 38 26.67 -0.04 -43.09
C ALA A 38 27.76 0.07 -42.03
N PHE A 39 29.02 -0.16 -42.42
CA PHE A 39 30.14 0.08 -41.52
C PHE A 39 30.19 1.56 -41.16
N SER A 40 30.21 1.83 -39.85
CA SER A 40 30.09 3.18 -39.34
C SER A 40 31.19 3.45 -38.30
N PRO A 41 32.40 3.89 -38.73
CA PRO A 41 33.52 4.08 -37.80
C PRO A 41 33.28 5.04 -36.63
N ALA A 42 32.15 5.75 -36.62
CA ALA A 42 31.80 6.62 -35.50
C ALA A 42 31.30 5.82 -34.29
N LEU A 43 30.94 4.55 -34.49
CA LEU A 43 30.48 3.69 -33.42
C LEU A 43 31.66 3.19 -32.57
N ARG A 44 31.84 3.82 -31.40
CA ARG A 44 32.92 3.48 -30.48
C ARG A 44 32.50 2.34 -29.56
N PRO A 45 33.47 1.68 -28.86
CA PRO A 45 33.14 0.69 -27.84
C PRO A 45 32.18 1.26 -26.79
N LEU A 46 31.20 0.43 -26.43
CA LEU A 46 30.23 0.71 -25.38
C LEU A 46 30.93 0.75 -24.03
N GLU A 47 30.49 1.68 -23.18
CA GLU A 47 31.07 1.83 -21.86
C GLU A 47 29.99 1.70 -20.78
N LEU A 48 30.30 0.84 -19.81
CA LEU A 48 29.42 0.50 -18.71
C LEU A 48 30.10 0.90 -17.39
N LEU A 49 29.35 1.55 -16.50
CA LEU A 49 29.81 1.90 -15.16
C LEU A 49 28.77 1.44 -14.15
N GLY A 50 29.24 0.81 -13.06
CA GLY A 50 28.40 0.53 -11.92
C GLY A 50 27.69 -0.81 -12.07
N PHE A 51 28.14 -1.65 -13.00
CA PHE A 51 27.45 -2.91 -13.32
C PHE A 51 27.90 -4.08 -12.43
N GLN A 52 29.07 -3.97 -11.78
CA GLN A 52 29.52 -4.99 -10.86
C GLN A 52 28.88 -4.72 -9.51
N LEU A 53 27.74 -5.35 -9.28
CA LEU A 53 26.95 -5.09 -8.09
C LEU A 53 27.48 -5.94 -6.94
N PRO A 54 27.45 -5.40 -5.69
CA PRO A 54 27.64 -6.24 -4.51
C PRO A 54 26.39 -7.10 -4.25
N PRO A 55 26.52 -8.12 -3.36
CA PRO A 55 25.41 -9.00 -2.96
C PRO A 55 24.17 -8.29 -2.42
N LEU A 56 24.36 -7.23 -1.61
CA LEU A 56 23.27 -6.43 -1.08
C LEU A 56 23.41 -5.01 -1.59
N PRO A 57 22.28 -4.30 -1.86
CA PRO A 57 20.94 -4.88 -1.70
C PRO A 57 20.57 -5.91 -2.77
N GLU A 58 19.61 -6.79 -2.47
CA GLU A 58 19.13 -7.78 -3.43
C GLU A 58 18.23 -7.11 -4.50
N LEU A 59 18.05 -7.83 -5.62
CA LEU A 59 17.31 -7.44 -6.81
C LEU A 59 16.05 -8.27 -6.91
N ARG A 60 14.96 -7.72 -7.43
CA ARG A 60 13.73 -8.48 -7.65
C ARG A 60 13.80 -9.17 -9.01
N LEU A 61 13.60 -10.49 -9.01
CA LEU A 61 13.51 -11.33 -10.19
C LEU A 61 12.09 -11.87 -10.27
N ARG A 62 11.42 -11.57 -11.39
CA ARG A 62 9.99 -11.75 -11.52
C ARG A 62 9.68 -12.57 -12.77
N ASN A 63 8.74 -13.50 -12.61
CA ASN A 63 8.06 -14.16 -13.72
C ASN A 63 6.82 -13.34 -14.05
N ASN A 64 6.88 -12.55 -15.13
CA ASN A 64 5.79 -11.62 -15.42
C ASN A 64 4.84 -12.26 -16.44
N GLY A 65 5.02 -13.56 -16.73
CA GLY A 65 4.14 -14.27 -17.66
C GLY A 65 4.60 -14.22 -19.12
N HIS A 66 5.56 -13.34 -19.45
CA HIS A 66 6.03 -13.10 -20.80
C HIS A 66 7.54 -13.32 -20.88
N SER A 67 8.23 -12.99 -19.78
CA SER A 67 9.66 -13.22 -19.63
C SER A 67 10.00 -13.46 -18.16
N VAL A 68 11.28 -13.68 -17.89
CA VAL A 68 11.82 -13.48 -16.55
C VAL A 68 12.59 -12.17 -16.56
N GLN A 69 12.28 -11.31 -15.58
CA GLN A 69 12.84 -9.96 -15.57
C GLN A 69 13.50 -9.65 -14.22
N LEU A 70 14.71 -9.11 -14.32
CA LEU A 70 15.50 -8.67 -13.18
C LEU A 70 15.51 -7.14 -13.16
N THR A 71 14.91 -6.57 -12.12
CA THR A 71 14.91 -5.14 -11.93
C THR A 71 16.30 -4.70 -11.49
N LEU A 72 16.85 -3.71 -12.19
CA LEU A 72 18.18 -3.27 -11.86
C LEU A 72 18.08 -2.02 -10.98
N PRO A 73 19.09 -1.81 -10.10
CA PRO A 73 19.07 -0.67 -9.18
C PRO A 73 19.58 0.62 -9.82
N PRO A 74 19.43 1.77 -9.13
CA PRO A 74 20.09 3.00 -9.57
C PRO A 74 21.61 2.90 -9.64
N GLY A 75 22.18 3.67 -10.57
CA GLY A 75 23.62 3.86 -10.63
C GLY A 75 24.32 3.01 -11.69
N LEU A 76 23.58 2.38 -12.63
CA LEU A 76 24.17 1.59 -13.70
C LEU A 76 24.14 2.43 -14.99
N GLU A 77 25.31 2.97 -15.36
CA GLU A 77 25.42 3.97 -16.41
C GLU A 77 25.99 3.35 -17.67
N MET A 78 25.40 3.69 -18.81
CA MET A 78 25.80 3.12 -20.09
C MET A 78 25.84 4.23 -21.13
N ALA A 79 26.98 4.37 -21.81
CA ALA A 79 27.14 5.36 -22.86
C ALA A 79 27.30 4.63 -24.20
N LEU A 80 26.47 5.02 -25.17
CA LEU A 80 26.52 4.48 -26.52
C LEU A 80 27.63 5.17 -27.29
N GLY A 81 28.04 6.30 -26.73
CA GLY A 81 29.08 7.12 -27.32
C GLY A 81 29.15 8.42 -26.52
N PRO A 82 30.14 9.29 -26.77
CA PRO A 82 30.19 10.61 -26.14
C PRO A 82 28.88 11.38 -26.27
N GLY A 83 28.32 11.80 -25.13
CA GLY A 83 27.08 12.55 -25.10
C GLY A 83 25.82 11.70 -25.34
N ARG A 84 25.96 10.36 -25.36
CA ARG A 84 24.81 9.48 -25.52
C ARG A 84 24.74 8.57 -24.29
N GLU A 85 24.17 9.10 -23.20
CA GLU A 85 24.27 8.51 -21.87
C GLU A 85 22.91 7.99 -21.44
N TYR A 86 22.94 6.78 -20.88
CA TYR A 86 21.75 6.04 -20.46
C TYR A 86 21.96 5.48 -19.05
N ARG A 87 20.85 5.04 -18.43
CA ARG A 87 20.93 4.30 -17.17
C ARG A 87 20.03 3.08 -17.26
N ALA A 88 20.55 1.94 -16.77
CA ALA A 88 19.90 0.65 -16.89
C ALA A 88 18.68 0.60 -15.97
N LEU A 89 17.58 0.05 -16.49
CA LEU A 89 16.33 -0.16 -15.77
C LEU A 89 16.15 -1.62 -15.37
N GLN A 90 16.39 -2.55 -16.29
CA GLN A 90 16.01 -3.93 -16.08
C GLN A 90 16.63 -4.78 -17.18
N LEU A 91 16.71 -6.10 -16.92
CA LEU A 91 17.01 -7.04 -17.99
C LEU A 91 16.05 -8.22 -17.93
N HIS A 92 15.96 -8.91 -19.07
CA HIS A 92 15.08 -10.04 -19.21
C HIS A 92 15.55 -10.87 -20.40
N LEU A 93 14.81 -11.95 -20.67
CA LEU A 93 15.31 -12.99 -21.55
C LEU A 93 14.19 -13.44 -22.48
N HIS A 94 14.60 -13.84 -23.67
CA HIS A 94 13.72 -14.44 -24.64
C HIS A 94 14.31 -15.81 -25.02
N TRP A 95 13.47 -16.84 -24.98
CA TRP A 95 13.89 -18.20 -25.26
C TRP A 95 12.80 -18.97 -26.01
N GLY A 96 13.15 -20.20 -26.44
CA GLY A 96 12.27 -21.04 -27.24
C GLY A 96 11.67 -22.22 -26.46
N ALA A 97 12.03 -23.44 -26.89
CA ALA A 97 11.56 -24.70 -26.32
C ALA A 97 12.61 -25.80 -26.56
N ALA A 98 12.22 -27.06 -26.35
CA ALA A 98 13.12 -28.20 -26.56
C ALA A 98 13.46 -28.32 -28.05
N GLY A 99 14.76 -28.14 -28.36
CA GLY A 99 15.28 -28.21 -29.72
C GLY A 99 14.76 -27.11 -30.66
N ARG A 100 14.26 -25.99 -30.12
CA ARG A 100 13.69 -24.91 -30.92
C ARG A 100 14.30 -23.57 -30.48
N PRO A 101 14.86 -22.76 -31.40
CA PRO A 101 15.48 -21.50 -31.03
C PRO A 101 14.42 -20.44 -30.65
N GLY A 102 14.83 -19.42 -29.90
CA GLY A 102 13.89 -18.44 -29.37
C GLY A 102 14.48 -17.04 -29.19
N SER A 103 15.61 -16.75 -29.84
CA SER A 103 16.08 -15.38 -29.93
C SER A 103 15.02 -14.54 -30.63
N GLU A 104 15.04 -13.21 -30.42
CA GLU A 104 14.07 -12.31 -31.04
C GLU A 104 14.63 -11.83 -32.38
N HIS A 105 15.86 -11.31 -32.36
CA HIS A 105 16.60 -11.01 -33.56
C HIS A 105 17.09 -12.33 -34.18
N THR A 106 17.28 -12.28 -35.51
CA THR A 106 17.90 -13.38 -36.25
C THR A 106 19.05 -12.78 -37.05
N VAL A 107 20.02 -13.63 -37.45
CA VAL A 107 21.11 -13.22 -38.32
C VAL A 107 21.04 -14.06 -39.60
N GLU A 108 20.92 -13.40 -40.77
CA GLU A 108 20.69 -14.08 -42.03
C GLU A 108 19.68 -15.22 -41.85
N GLY A 109 18.60 -14.92 -41.12
CA GLY A 109 17.49 -15.85 -40.96
C GLY A 109 17.69 -16.84 -39.81
N HIS A 110 18.90 -16.85 -39.21
CA HIS A 110 19.25 -17.79 -38.16
C HIS A 110 18.78 -17.27 -36.79
N ARG A 111 17.88 -18.03 -36.16
CA ARG A 111 17.41 -17.75 -34.80
C ARG A 111 18.29 -18.51 -33.82
N PHE A 112 18.80 -17.80 -32.80
CA PHE A 112 19.66 -18.42 -31.81
C PHE A 112 18.82 -18.94 -30.66
N PRO A 113 19.37 -19.85 -29.80
CA PRO A 113 18.61 -20.44 -28.69
C PRO A 113 17.88 -19.43 -27.81
N ALA A 114 18.56 -18.35 -27.39
CA ALA A 114 17.90 -17.36 -26.55
C ALA A 114 18.56 -15.99 -26.72
N GLU A 115 18.01 -14.98 -26.01
CA GLU A 115 18.50 -13.61 -26.13
C GLU A 115 18.31 -12.88 -24.80
N ILE A 116 19.31 -12.07 -24.42
CA ILE A 116 19.20 -11.18 -23.28
C ILE A 116 19.07 -9.73 -23.76
N HIS A 117 18.07 -9.02 -23.18
CA HIS A 117 17.88 -7.57 -23.31
C HIS A 117 18.16 -6.82 -22.00
N VAL A 118 19.05 -5.81 -22.06
CA VAL A 118 19.26 -4.86 -20.98
C VAL A 118 18.66 -3.52 -21.41
N VAL A 119 17.54 -3.14 -20.76
CA VAL A 119 16.77 -1.97 -21.15
C VAL A 119 17.26 -0.77 -20.35
N HIS A 120 17.47 0.36 -21.03
CA HIS A 120 18.07 1.58 -20.50
C HIS A 120 17.22 2.78 -20.85
N LEU A 121 17.29 3.82 -19.97
CA LEU A 121 16.58 5.08 -20.14
C LEU A 121 17.59 6.18 -20.39
N SER A 122 17.34 7.04 -21.37
CA SER A 122 18.17 8.19 -21.59
C SER A 122 18.19 9.06 -20.32
N THR A 123 19.38 9.62 -20.00
CA THR A 123 19.52 10.49 -18.85
C THR A 123 18.74 11.79 -19.01
N ALA A 124 18.25 12.10 -20.23
CA ALA A 124 17.48 13.31 -20.50
C ALA A 124 16.05 13.20 -19.99
N PHE A 125 15.65 11.97 -19.63
CA PHE A 125 14.29 11.69 -19.20
C PHE A 125 14.30 11.07 -17.80
N ALA A 126 13.33 11.47 -16.97
CA ALA A 126 13.22 11.05 -15.58
C ALA A 126 12.50 9.72 -15.51
N ARG A 127 11.57 9.52 -16.44
CA ARG A 127 10.67 8.37 -16.39
C ARG A 127 10.45 7.85 -17.80
N VAL A 128 10.15 6.56 -17.87
CA VAL A 128 9.97 5.86 -19.13
C VAL A 128 8.82 6.47 -19.93
N ASP A 129 7.71 6.80 -19.29
CA ASP A 129 6.58 7.30 -20.07
C ASP A 129 6.89 8.64 -20.75
N GLU A 130 7.88 9.41 -20.32
CA GLU A 130 8.27 10.59 -21.08
C GLU A 130 9.19 10.21 -22.25
N ALA A 131 9.87 9.05 -22.15
CA ALA A 131 10.84 8.62 -23.14
C ALA A 131 10.21 7.85 -24.31
N LEU A 132 9.07 7.18 -24.06
CA LEU A 132 8.38 6.38 -25.07
C LEU A 132 8.11 7.22 -26.32
N GLY A 133 8.44 6.67 -27.49
CA GLY A 133 8.21 7.32 -28.76
C GLY A 133 9.19 8.46 -29.05
N ARG A 134 10.07 8.82 -28.08
CA ARG A 134 10.98 9.95 -28.28
C ARG A 134 12.32 9.45 -28.82
N PRO A 135 13.00 10.21 -29.71
CA PRO A 135 14.20 9.72 -30.38
C PRO A 135 15.32 9.43 -29.39
N GLY A 136 15.71 8.16 -29.31
CA GLY A 136 16.79 7.70 -28.46
C GLY A 136 16.47 7.79 -26.97
N GLY A 137 15.17 7.82 -26.64
CA GLY A 137 14.71 7.94 -25.27
C GLY A 137 14.99 6.66 -24.50
N LEU A 138 14.83 5.50 -25.16
CA LEU A 138 15.26 4.19 -24.64
C LEU A 138 16.34 3.56 -25.53
N ALA A 139 17.17 2.73 -24.87
CA ALA A 139 18.23 1.96 -25.52
C ALA A 139 18.26 0.56 -24.92
N VAL A 140 18.30 -0.46 -25.79
CA VAL A 140 18.39 -1.85 -25.38
C VAL A 140 19.72 -2.40 -25.85
N LEU A 141 20.48 -3.02 -24.94
CA LEU A 141 21.62 -3.85 -25.31
C LEU A 141 21.12 -5.29 -25.41
N ALA A 142 21.39 -5.92 -26.55
CA ALA A 142 20.91 -7.27 -26.84
C ALA A 142 22.10 -8.19 -27.15
N ALA A 143 22.07 -9.42 -26.61
CA ALA A 143 23.11 -10.40 -26.90
C ALA A 143 22.46 -11.75 -27.11
N PHE A 144 22.96 -12.51 -28.09
CA PHE A 144 22.43 -13.86 -28.32
C PHE A 144 23.04 -14.80 -27.29
N LEU A 145 22.27 -15.78 -26.85
CA LEU A 145 22.83 -16.85 -26.05
C LEU A 145 22.81 -18.13 -26.89
N GLU A 146 23.96 -18.82 -26.87
CA GLU A 146 24.23 -20.01 -27.66
C GLU A 146 24.67 -21.15 -26.75
N GLU A 147 24.52 -22.38 -27.25
CA GLU A 147 25.03 -23.55 -26.57
C GLU A 147 26.56 -23.55 -26.59
N GLY A 148 27.16 -23.84 -25.41
CA GLY A 148 28.59 -24.03 -25.27
C GLY A 148 28.90 -25.24 -24.40
N PRO A 149 30.19 -25.65 -24.29
CA PRO A 149 30.58 -26.80 -23.47
C PRO A 149 30.57 -26.58 -21.95
N GLU A 150 31.04 -25.41 -21.48
CA GLU A 150 31.12 -25.09 -20.06
C GLU A 150 29.78 -24.54 -19.56
N GLU A 151 29.60 -24.59 -18.24
CA GLU A 151 28.51 -23.93 -17.52
C GLU A 151 28.87 -22.45 -17.36
N ASN A 152 27.96 -21.54 -17.73
CA ASN A 152 28.18 -20.11 -17.51
C ASN A 152 27.82 -19.83 -16.05
N SER A 153 28.80 -19.42 -15.25
CA SER A 153 28.56 -19.25 -13.82
C SER A 153 27.77 -17.97 -13.56
N ALA A 154 28.00 -16.92 -14.36
CA ALA A 154 27.24 -15.68 -14.23
C ALA A 154 25.75 -15.98 -14.36
N TYR A 155 25.38 -16.82 -15.34
CA TYR A 155 23.97 -17.09 -15.59
C TYR A 155 23.39 -18.04 -14.54
N GLU A 156 24.25 -18.89 -13.95
CA GLU A 156 23.81 -19.91 -13.00
C GLU A 156 23.16 -19.25 -11.77
N GLN A 157 23.72 -18.12 -11.33
CA GLN A 157 23.18 -17.28 -10.27
C GLN A 157 21.70 -16.97 -10.49
N LEU A 158 21.30 -16.73 -11.73
CA LEU A 158 19.91 -16.41 -12.03
C LEU A 158 19.14 -17.69 -12.30
N LEU A 159 19.77 -18.61 -13.05
CA LEU A 159 19.06 -19.76 -13.58
C LEU A 159 18.66 -20.69 -12.42
N SER A 160 19.51 -20.76 -11.36
CA SER A 160 19.26 -21.58 -10.17
C SER A 160 18.07 -21.08 -9.35
N ARG A 161 17.56 -19.89 -9.66
CA ARG A 161 16.48 -19.30 -8.89
C ARG A 161 15.15 -19.33 -9.65
N LEU A 162 15.15 -19.86 -10.88
CA LEU A 162 13.94 -19.89 -11.68
C LEU A 162 12.87 -20.81 -11.07
N GLU A 163 13.27 -21.91 -10.38
CA GLU A 163 12.32 -22.86 -9.81
C GLU A 163 11.41 -22.14 -8.80
N GLU A 164 11.95 -21.13 -8.07
CA GLU A 164 11.18 -20.33 -7.10
C GLU A 164 10.11 -19.46 -7.75
N ILE A 165 10.24 -19.09 -9.04
CA ILE A 165 9.30 -18.17 -9.65
C ILE A 165 8.55 -18.84 -10.81
N ALA A 166 8.42 -20.18 -10.75
CA ALA A 166 7.75 -20.99 -11.78
C ALA A 166 6.35 -20.45 -12.04
N GLU A 167 5.64 -20.07 -10.98
CA GLU A 167 4.27 -19.59 -11.10
C GLU A 167 4.27 -18.24 -11.81
N GLU A 168 3.32 -18.08 -12.74
CA GLU A 168 3.21 -16.80 -13.43
C GLU A 168 2.86 -15.73 -12.41
N GLY A 169 3.57 -14.60 -12.50
CA GLY A 169 3.30 -13.46 -11.65
C GLY A 169 3.94 -13.58 -10.26
N SER A 170 4.91 -14.49 -10.14
CA SER A 170 5.63 -14.71 -8.92
C SER A 170 6.99 -14.03 -9.04
N GLU A 171 7.59 -13.71 -7.89
CA GLU A 171 8.87 -13.03 -7.81
C GLU A 171 9.65 -13.47 -6.57
N THR A 172 10.95 -13.21 -6.62
CA THR A 172 11.88 -13.56 -5.57
C THR A 172 12.97 -12.50 -5.56
N GLN A 173 13.69 -12.42 -4.43
CA GLN A 173 14.84 -11.53 -4.29
C GLN A 173 16.09 -12.36 -4.48
N VAL A 174 17.03 -11.82 -5.27
CA VAL A 174 18.29 -12.47 -5.57
C VAL A 174 19.42 -11.49 -5.25
N PRO A 175 20.59 -11.99 -4.80
CA PRO A 175 21.73 -11.11 -4.53
C PRO A 175 22.23 -10.43 -5.81
N GLY A 176 22.77 -9.21 -5.66
CA GLY A 176 23.47 -8.53 -6.74
C GLY A 176 24.56 -9.42 -7.33
N LEU A 177 24.88 -9.17 -8.61
CA LEU A 177 25.95 -9.87 -9.29
C LEU A 177 26.54 -8.91 -10.32
N ASP A 178 27.62 -9.36 -10.97
CA ASP A 178 28.19 -8.68 -12.13
C ASP A 178 27.20 -8.80 -13.30
N ILE A 179 26.50 -7.71 -13.56
CA ILE A 179 25.50 -7.69 -14.62
C ILE A 179 26.20 -7.75 -15.98
N SER A 180 27.38 -7.13 -16.06
CA SER A 180 28.14 -7.09 -17.30
C SER A 180 28.69 -8.48 -17.66
N ALA A 181 28.78 -9.40 -16.68
CA ALA A 181 29.22 -10.76 -16.97
C ALA A 181 28.10 -11.57 -17.58
N LEU A 182 26.91 -10.96 -17.76
CA LEU A 182 25.81 -11.61 -18.45
C LEU A 182 25.82 -11.26 -19.95
N LEU A 183 26.79 -10.43 -20.34
CA LEU A 183 26.94 -9.91 -21.68
C LEU A 183 28.28 -10.39 -22.26
N PRO A 184 28.47 -10.31 -23.59
CA PRO A 184 29.79 -10.59 -24.19
C PRO A 184 30.87 -9.67 -23.62
N SER A 185 32.14 -10.13 -23.66
CA SER A 185 33.30 -9.31 -23.29
C SER A 185 33.66 -8.28 -24.35
N ASP A 186 33.28 -8.52 -25.62
CA ASP A 186 33.62 -7.62 -26.71
C ASP A 186 32.52 -6.55 -26.85
N PHE A 187 32.83 -5.33 -26.41
CA PHE A 187 31.94 -4.18 -26.43
C PHE A 187 32.23 -3.28 -27.64
N SER A 188 33.04 -3.75 -28.59
CA SER A 188 33.51 -2.88 -29.67
C SER A 188 32.88 -3.30 -31.01
N ARG A 189 32.41 -4.56 -31.09
CA ARG A 189 31.84 -5.10 -32.31
C ARG A 189 30.35 -5.34 -32.11
N TYR A 190 29.55 -4.50 -32.78
CA TYR A 190 28.11 -4.61 -32.65
C TYR A 190 27.40 -3.99 -33.84
N PHE A 191 26.13 -4.39 -33.98
CA PHE A 191 25.15 -3.78 -34.86
C PHE A 191 24.29 -2.78 -34.07
N GLN A 192 23.90 -1.68 -34.74
CA GLN A 192 23.00 -0.69 -34.16
C GLN A 192 21.93 -0.30 -35.18
N TYR A 193 20.67 -0.26 -34.74
CA TYR A 193 19.59 0.31 -35.53
C TYR A 193 18.55 0.95 -34.58
N GLU A 194 17.67 1.76 -35.16
CA GLU A 194 16.55 2.33 -34.44
C GLU A 194 15.30 1.51 -34.69
N GLY A 195 14.63 1.14 -33.60
CA GLY A 195 13.43 0.33 -33.70
C GLY A 195 12.42 0.66 -32.61
N SER A 196 11.91 -0.39 -31.96
CA SER A 196 10.72 -0.31 -31.12
C SER A 196 10.86 -1.27 -29.94
N LEU A 197 9.95 -1.13 -28.97
CA LEU A 197 9.74 -2.15 -27.96
C LEU A 197 9.05 -3.32 -28.64
N THR A 198 9.27 -4.52 -28.11
CA THR A 198 8.83 -5.74 -28.76
C THR A 198 7.54 -6.26 -28.12
N THR A 199 6.95 -5.44 -27.25
CA THR A 199 5.72 -5.78 -26.56
C THR A 199 4.93 -4.47 -26.46
N PRO A 200 3.59 -4.50 -26.38
CA PRO A 200 2.84 -3.25 -26.18
C PRO A 200 3.50 -2.42 -25.08
N PRO A 201 3.57 -1.08 -25.21
CA PRO A 201 3.00 -0.36 -26.36
C PRO A 201 3.78 -0.25 -27.68
N CYS A 202 4.90 -0.96 -27.84
CA CYS A 202 5.67 -1.07 -29.09
C CYS A 202 6.14 0.29 -29.60
N ALA A 203 6.51 1.18 -28.68
CA ALA A 203 6.86 2.54 -29.03
C ALA A 203 8.18 2.54 -29.80
N GLN A 204 8.29 3.44 -30.77
CA GLN A 204 9.47 3.59 -31.63
C GLN A 204 10.42 4.61 -30.99
N GLY A 205 11.57 4.87 -31.60
CA GLY A 205 12.59 5.75 -31.07
C GLY A 205 13.63 5.03 -30.21
N VAL A 206 13.57 3.69 -30.20
CA VAL A 206 14.44 2.85 -29.38
C VAL A 206 15.73 2.57 -30.15
N ILE A 207 16.88 2.78 -29.51
CA ILE A 207 18.14 2.38 -30.10
C ILE A 207 18.55 0.99 -29.63
N TRP A 208 18.56 0.04 -30.59
CA TRP A 208 18.97 -1.33 -30.37
C TRP A 208 20.43 -1.51 -30.75
N THR A 209 21.20 -2.07 -29.82
CA THR A 209 22.59 -2.43 -30.04
C THR A 209 22.68 -3.93 -29.86
N VAL A 210 23.11 -4.63 -30.92
CA VAL A 210 23.10 -6.08 -30.91
C VAL A 210 24.55 -6.52 -31.07
N PHE A 211 25.05 -7.21 -30.03
CA PHE A 211 26.44 -7.65 -29.98
C PHE A 211 26.67 -8.69 -31.07
N GLN A 212 27.86 -8.64 -31.68
CA GLN A 212 28.25 -9.68 -32.63
C GLN A 212 28.70 -10.95 -31.90
N GLN A 213 29.54 -10.80 -30.86
CA GLN A 213 29.91 -11.91 -30.00
C GLN A 213 28.69 -12.42 -29.22
N THR A 214 28.54 -13.74 -29.15
CA THR A 214 27.50 -14.37 -28.36
C THR A 214 28.02 -14.73 -26.96
N VAL A 215 27.07 -15.14 -26.12
CA VAL A 215 27.34 -15.68 -24.81
C VAL A 215 26.97 -17.16 -24.86
N MET A 216 27.74 -17.97 -24.14
CA MET A 216 27.54 -19.42 -24.18
C MET A 216 26.98 -19.92 -22.85
N LEU A 217 25.82 -20.59 -22.92
CA LEU A 217 25.24 -21.35 -21.83
C LEU A 217 25.42 -22.83 -22.15
N SER A 218 25.40 -23.70 -21.13
CA SER A 218 25.46 -25.14 -21.30
C SER A 218 24.08 -25.62 -21.73
N ALA A 219 24.00 -26.86 -22.21
CA ALA A 219 22.74 -27.40 -22.71
C ALA A 219 21.73 -27.45 -21.57
N LYS A 220 22.20 -27.85 -20.37
CA LYS A 220 21.30 -27.90 -19.22
C LYS A 220 20.83 -26.49 -18.84
N GLN A 221 21.75 -25.50 -18.77
CA GLN A 221 21.43 -24.11 -18.49
C GLN A 221 20.33 -23.62 -19.42
N LEU A 222 20.42 -23.95 -20.72
CA LEU A 222 19.41 -23.56 -21.69
C LEU A 222 18.11 -24.31 -21.47
N HIS A 223 18.22 -25.59 -21.07
CA HIS A 223 17.05 -26.38 -20.71
C HIS A 223 16.39 -25.82 -19.44
N THR A 224 17.18 -25.43 -18.43
CA THR A 224 16.61 -24.80 -17.24
C THR A 224 15.76 -23.58 -17.65
N LEU A 225 16.33 -22.70 -18.47
CA LEU A 225 15.66 -21.49 -18.90
C LEU A 225 14.32 -21.80 -19.55
N SER A 226 14.32 -22.72 -20.52
CA SER A 226 13.17 -22.91 -21.40
C SER A 226 12.13 -23.85 -20.76
N ASP A 227 12.48 -24.55 -19.68
CA ASP A 227 11.65 -25.65 -19.20
C ASP A 227 10.98 -25.36 -17.85
N THR A 228 11.38 -24.29 -17.13
CA THR A 228 11.04 -24.14 -15.72
C THR A 228 9.79 -23.28 -15.52
N LEU A 229 9.68 -22.17 -16.27
CA LEU A 229 8.70 -21.14 -15.97
C LEU A 229 7.38 -21.43 -16.68
N TRP A 230 6.28 -20.94 -16.07
CA TRP A 230 4.92 -21.11 -16.54
C TRP A 230 4.32 -19.74 -16.89
N GLY A 231 3.39 -19.75 -17.86
CA GLY A 231 2.86 -18.54 -18.45
C GLY A 231 1.36 -18.48 -18.25
N PRO A 232 0.64 -17.64 -19.03
CA PRO A 232 -0.82 -17.57 -18.94
C PRO A 232 -1.46 -18.94 -19.20
N GLY A 233 -2.68 -19.13 -18.65
CA GLY A 233 -3.34 -20.43 -18.67
C GLY A 233 -2.53 -21.48 -17.92
N ASP A 234 -2.73 -22.76 -18.30
CA ASP A 234 -1.94 -23.85 -17.75
C ASP A 234 -0.90 -24.27 -18.78
N SER A 235 -0.13 -23.28 -19.29
CA SER A 235 0.81 -23.50 -20.39
C SER A 235 2.21 -23.02 -20.00
N ARG A 236 3.24 -23.60 -20.62
CA ARG A 236 4.62 -23.27 -20.33
C ARG A 236 4.98 -21.89 -20.89
N LEU A 237 6.04 -21.29 -20.32
CA LEU A 237 6.55 -20.02 -20.80
C LEU A 237 7.73 -20.35 -21.72
N GLN A 238 7.40 -20.36 -23.02
CA GLN A 238 8.24 -20.84 -24.09
C GLN A 238 7.91 -20.05 -25.35
N LEU A 239 8.88 -19.95 -26.27
CA LEU A 239 8.69 -19.27 -27.54
C LEU A 239 8.18 -17.86 -27.25
N ASN A 240 8.93 -17.15 -26.38
CA ASN A 240 8.55 -15.83 -25.90
C ASN A 240 9.36 -14.80 -26.69
N PHE A 241 9.19 -14.86 -28.03
CA PHE A 241 9.81 -14.00 -29.02
C PHE A 241 8.77 -13.51 -30.03
N ARG A 242 8.89 -12.24 -30.43
CA ARG A 242 8.03 -11.63 -31.43
C ARG A 242 8.56 -12.00 -32.82
N ALA A 243 7.63 -12.05 -33.79
CA ALA A 243 7.95 -12.22 -35.20
C ALA A 243 8.89 -11.10 -35.66
N THR A 244 9.97 -11.49 -36.34
CA THR A 244 10.84 -10.57 -37.06
C THR A 244 10.01 -9.56 -37.86
N GLN A 245 10.48 -8.32 -37.88
CA GLN A 245 9.76 -7.22 -38.49
C GLN A 245 10.58 -6.65 -39.64
N PRO A 246 9.92 -6.16 -40.72
CA PRO A 246 10.67 -5.61 -41.85
C PRO A 246 11.44 -4.34 -41.47
N LEU A 247 12.64 -4.18 -42.06
CA LEU A 247 13.44 -3.00 -41.87
C LEU A 247 12.78 -1.73 -42.45
N ASN A 248 12.01 -1.93 -43.54
CA ASN A 248 11.25 -0.87 -44.18
C ASN A 248 12.16 0.31 -44.51
N GLY A 249 13.37 -0.04 -44.98
CA GLY A 249 14.28 0.95 -45.51
C GLY A 249 15.25 1.48 -44.47
N ARG A 250 15.08 1.09 -43.19
CA ARG A 250 16.12 1.37 -42.21
C ARG A 250 17.39 0.64 -42.62
N VAL A 251 18.55 1.28 -42.39
CA VAL A 251 19.85 0.62 -42.52
C VAL A 251 20.42 0.29 -41.14
N ILE A 252 20.89 -0.95 -40.97
CA ILE A 252 21.56 -1.37 -39.76
C ILE A 252 23.02 -0.97 -39.90
N GLU A 253 23.54 -0.28 -38.88
CA GLU A 253 24.96 0.06 -38.85
C GLU A 253 25.74 -1.05 -38.15
N ALA A 254 27.04 -1.16 -38.48
CA ALA A 254 27.96 -2.09 -37.87
C ALA A 254 29.15 -1.28 -37.38
N SER A 255 29.62 -1.55 -36.15
CA SER A 255 30.76 -0.82 -35.59
C SER A 255 32.06 -1.29 -36.22
N PHE A 256 32.00 -2.30 -37.09
CA PHE A 256 33.17 -2.99 -37.62
C PHE A 256 33.01 -3.28 -39.13
N PRO A 257 34.14 -3.38 -39.89
CA PRO A 257 34.10 -3.66 -41.33
C PRO A 257 33.74 -5.11 -41.69
N TRP B 7 19.05 -24.73 4.55
CA TRP B 7 19.49 -24.19 5.87
C TRP B 7 18.96 -25.06 7.01
N ARG B 8 19.62 -24.98 8.16
CA ARG B 8 19.14 -25.56 9.42
C ARG B 8 19.50 -24.60 10.55
N TYR B 9 19.05 -24.90 11.77
CA TYR B 9 19.61 -24.29 12.97
C TYR B 9 20.68 -25.23 13.54
N GLY B 10 21.95 -24.80 13.55
CA GLY B 10 23.03 -25.63 14.05
C GLY B 10 23.71 -26.48 12.96
N GLY B 11 23.19 -26.40 11.73
CA GLY B 11 23.94 -26.84 10.55
C GLY B 11 25.03 -25.84 10.22
N ASP B 12 25.63 -25.95 9.02
CA ASP B 12 26.56 -24.95 8.54
C ASP B 12 26.58 -24.88 7.01
N PRO B 13 25.42 -24.68 6.33
CA PRO B 13 25.31 -23.63 5.33
C PRO B 13 25.16 -22.31 6.12
N PRO B 14 26.25 -21.59 6.48
CA PRO B 14 26.12 -20.39 7.32
C PRO B 14 25.24 -19.40 6.57
N TRP B 15 24.29 -18.78 7.28
CA TRP B 15 23.11 -18.20 6.65
C TRP B 15 23.49 -17.13 5.62
N PRO B 16 24.30 -16.10 5.94
CA PRO B 16 24.79 -15.18 4.92
C PRO B 16 25.32 -15.81 3.63
N ARG B 17 25.98 -16.99 3.73
CA ARG B 17 26.61 -17.66 2.58
C ARG B 17 25.54 -18.21 1.63
N VAL B 18 24.41 -18.69 2.16
CA VAL B 18 23.31 -19.21 1.35
C VAL B 18 22.26 -18.12 1.08
N SER B 19 22.05 -17.20 2.05
CA SER B 19 21.11 -16.09 1.90
C SER B 19 21.78 -14.81 2.36
N PRO B 20 22.39 -14.02 1.43
CA PRO B 20 23.17 -12.83 1.81
C PRO B 20 22.33 -11.78 2.50
N ALA B 21 21.00 -11.84 2.32
CA ALA B 21 20.06 -10.98 3.02
C ALA B 21 20.19 -11.15 4.55
N CYS B 22 20.72 -12.29 5.00
CA CYS B 22 20.81 -12.56 6.41
C CYS B 22 21.89 -11.73 7.08
N ALA B 23 22.73 -11.08 6.26
CA ALA B 23 23.77 -10.17 6.73
C ALA B 23 23.35 -8.71 6.48
N GLY B 24 22.07 -8.44 6.25
CA GLY B 24 21.60 -7.05 6.19
C GLY B 24 21.73 -6.33 7.54
N ARG B 25 21.49 -5.03 7.57
CA ARG B 25 21.75 -4.23 8.77
C ARG B 25 20.58 -4.22 9.75
N PHE B 26 19.36 -4.55 9.28
CA PHE B 26 18.16 -4.38 10.06
C PHE B 26 17.42 -5.70 10.22
N GLN B 27 18.01 -6.59 11.02
CA GLN B 27 17.57 -7.97 11.10
C GLN B 27 16.82 -8.17 12.42
N SER B 28 16.13 -9.32 12.50
CA SER B 28 15.49 -9.85 13.68
C SER B 28 16.03 -11.25 14.01
N PRO B 29 15.92 -11.76 15.25
CA PRO B 29 15.41 -10.99 16.40
C PRO B 29 16.39 -10.02 17.07
N VAL B 30 15.92 -9.32 18.10
CA VAL B 30 16.68 -8.32 18.85
C VAL B 30 16.36 -8.47 20.34
N ASP B 31 17.26 -7.92 21.17
CA ASP B 31 17.09 -7.77 22.60
C ASP B 31 16.31 -6.49 22.90
N ILE B 32 15.21 -6.64 23.61
CA ILE B 32 14.38 -5.49 23.97
C ILE B 32 14.89 -4.98 25.31
N ARG B 33 15.19 -3.67 25.39
CA ARG B 33 15.65 -3.03 26.61
C ARG B 33 14.63 -1.94 26.91
N PRO B 34 13.60 -2.25 27.70
CA PRO B 34 12.46 -1.34 27.88
C PRO B 34 12.83 0.09 28.28
N GLN B 35 13.89 0.25 29.09
CA GLN B 35 14.33 1.58 29.47
C GLN B 35 14.79 2.43 28.29
N LEU B 36 15.16 1.78 27.18
CA LEU B 36 15.63 2.47 26.00
C LEU B 36 14.56 2.56 24.92
N ALA B 37 13.38 1.96 25.16
CA ALA B 37 12.31 2.00 24.18
C ALA B 37 11.72 3.42 24.13
N ALA B 38 11.26 3.86 22.97
CA ALA B 38 10.64 5.17 22.86
C ALA B 38 9.13 5.04 23.02
N PHE B 39 8.57 5.73 24.03
CA PHE B 39 7.13 5.77 24.21
C PHE B 39 6.53 6.62 23.10
N SER B 40 5.65 6.08 22.26
CA SER B 40 4.80 6.97 21.47
C SER B 40 3.34 6.69 21.76
N PRO B 41 2.62 7.71 22.25
CA PRO B 41 1.17 7.63 22.46
C PRO B 41 0.34 7.43 21.20
N ALA B 42 0.96 7.53 20.03
CA ALA B 42 0.28 7.25 18.77
C ALA B 42 0.03 5.76 18.57
N LEU B 43 0.78 4.88 19.26
CA LEU B 43 0.61 3.44 19.19
C LEU B 43 -0.67 3.03 19.93
N ARG B 44 -1.75 2.78 19.18
CA ARG B 44 -3.05 2.44 19.72
C ARG B 44 -3.14 0.93 20.00
N PRO B 45 -4.16 0.46 20.79
CA PRO B 45 -4.37 -0.97 21.01
C PRO B 45 -4.51 -1.72 19.69
N LEU B 46 -3.88 -2.88 19.59
CA LEU B 46 -3.99 -3.73 18.40
C LEU B 46 -5.46 -4.13 18.25
N GLU B 47 -5.94 -4.14 17.00
CA GLU B 47 -7.27 -4.64 16.64
C GLU B 47 -7.10 -5.96 15.90
N LEU B 48 -7.69 -7.04 16.46
CA LEU B 48 -7.71 -8.37 15.90
C LEU B 48 -9.16 -8.89 15.80
N LEU B 49 -9.70 -8.90 14.58
CA LEU B 49 -11.09 -9.30 14.34
C LEU B 49 -11.09 -10.54 13.46
N GLY B 50 -12.05 -11.44 13.74
CA GLY B 50 -12.21 -12.64 12.95
C GLY B 50 -11.33 -13.79 13.43
N PHE B 51 -10.71 -13.66 14.61
CA PHE B 51 -9.78 -14.67 15.11
C PHE B 51 -10.47 -15.83 15.84
N GLN B 52 -11.76 -15.66 16.18
CA GLN B 52 -12.54 -16.66 16.91
C GLN B 52 -13.16 -17.65 15.91
N LEU B 53 -12.37 -18.67 15.55
CA LEU B 53 -12.72 -19.58 14.47
C LEU B 53 -13.70 -20.63 15.00
N PRO B 54 -14.68 -21.06 14.16
CA PRO B 54 -15.57 -22.16 14.51
C PRO B 54 -14.81 -23.46 14.32
N PRO B 55 -15.27 -24.59 14.93
CA PRO B 55 -14.58 -25.88 14.86
C PRO B 55 -14.36 -26.40 13.44
N LEU B 56 -15.22 -25.98 12.51
CA LEU B 56 -15.06 -26.34 11.10
C LEU B 56 -15.17 -25.07 10.29
N PRO B 57 -14.40 -24.90 9.19
CA PRO B 57 -13.43 -25.90 8.72
C PRO B 57 -12.20 -26.11 9.61
N GLU B 58 -11.59 -27.29 9.47
CA GLU B 58 -10.36 -27.63 10.17
C GLU B 58 -9.16 -26.92 9.53
N LEU B 59 -8.04 -26.92 10.24
CA LEU B 59 -6.83 -26.16 9.90
C LEU B 59 -5.65 -27.12 9.70
N ARG B 60 -4.82 -26.83 8.70
CA ARG B 60 -3.59 -27.59 8.52
C ARG B 60 -2.58 -27.22 9.60
N LEU B 61 -2.00 -28.25 10.26
CA LEU B 61 -0.89 -28.13 11.19
C LEU B 61 0.28 -28.99 10.69
N ARG B 62 1.44 -28.40 10.43
CA ARG B 62 2.51 -29.10 9.75
C ARG B 62 3.84 -28.93 10.48
N ASN B 63 4.57 -30.05 10.60
CA ASN B 63 5.97 -30.06 10.97
C ASN B 63 6.74 -29.80 9.69
N ASN B 64 7.32 -28.59 9.56
CA ASN B 64 8.06 -28.24 8.35
C ASN B 64 9.55 -28.48 8.57
N GLY B 65 9.94 -29.18 9.64
CA GLY B 65 11.35 -29.38 9.96
C GLY B 65 11.94 -28.25 10.80
N HIS B 66 11.47 -27.02 10.59
CA HIS B 66 11.99 -25.81 11.25
C HIS B 66 11.06 -25.35 12.38
N SER B 67 9.76 -25.69 12.29
CA SER B 67 8.79 -25.32 13.32
C SER B 67 7.51 -26.14 13.14
N VAL B 68 6.56 -25.97 14.07
CA VAL B 68 5.17 -26.37 13.82
C VAL B 68 4.38 -25.14 13.38
N GLN B 69 3.68 -25.29 12.26
CA GLN B 69 2.99 -24.22 11.56
C GLN B 69 1.52 -24.57 11.40
N LEU B 70 0.68 -23.65 11.86
CA LEU B 70 -0.74 -23.68 11.62
C LEU B 70 -1.12 -22.67 10.53
N THR B 71 -1.70 -23.19 9.45
CA THR B 71 -2.25 -22.38 8.37
C THR B 71 -3.57 -21.77 8.84
N LEU B 72 -3.70 -20.45 8.66
CA LEU B 72 -4.91 -19.74 9.09
C LEU B 72 -5.76 -19.49 7.85
N PRO B 73 -7.10 -19.47 7.98
CA PRO B 73 -7.98 -19.23 6.84
C PRO B 73 -8.13 -17.75 6.56
N PRO B 74 -8.82 -17.38 5.46
CA PRO B 74 -9.23 -15.99 5.23
C PRO B 74 -10.09 -15.48 6.38
N GLY B 75 -10.06 -14.14 6.58
CA GLY B 75 -11.01 -13.45 7.44
C GLY B 75 -10.41 -12.97 8.77
N LEU B 76 -9.14 -13.28 9.06
CA LEU B 76 -8.50 -12.83 10.30
C LEU B 76 -7.87 -11.47 10.02
N GLU B 77 -8.55 -10.37 10.39
CA GLU B 77 -8.11 -9.02 10.08
C GLU B 77 -7.43 -8.42 11.31
N MET B 78 -6.30 -7.75 11.05
CA MET B 78 -5.50 -7.12 12.10
C MET B 78 -5.07 -5.70 11.67
N ALA B 79 -5.09 -4.73 12.59
CA ALA B 79 -4.65 -3.37 12.30
C ALA B 79 -3.63 -2.93 13.34
N LEU B 80 -2.54 -2.32 12.85
CA LEU B 80 -1.49 -1.74 13.67
C LEU B 80 -1.80 -0.25 13.92
N GLY B 81 -2.70 0.33 13.10
CA GLY B 81 -3.09 1.70 13.25
C GLY B 81 -4.13 2.06 12.20
N PRO B 82 -4.62 3.33 12.17
CA PRO B 82 -5.62 3.74 11.18
C PRO B 82 -5.14 3.50 9.75
N GLY B 83 -5.88 2.68 8.99
CA GLY B 83 -5.54 2.38 7.61
C GLY B 83 -4.35 1.44 7.46
N ARG B 84 -3.84 0.82 8.54
CA ARG B 84 -2.68 -0.05 8.46
C ARG B 84 -3.14 -1.45 8.80
N GLU B 85 -3.73 -2.09 7.80
CA GLU B 85 -4.47 -3.33 8.00
C GLU B 85 -3.73 -4.48 7.31
N TYR B 86 -3.98 -5.67 7.89
CA TYR B 86 -3.26 -6.91 7.66
C TYR B 86 -4.26 -8.07 7.70
N ARG B 87 -3.88 -9.18 7.06
N ARG B 87 -3.90 -9.18 7.05
CA ARG B 87 -4.59 -10.43 7.20
CA ARG B 87 -4.62 -10.42 7.23
C ARG B 87 -3.61 -11.51 7.68
C ARG B 87 -3.63 -11.50 7.66
N ALA B 88 -4.02 -12.30 8.67
CA ALA B 88 -3.19 -13.40 9.19
C ALA B 88 -3.09 -14.54 8.18
N LEU B 89 -1.88 -15.07 8.02
CA LEU B 89 -1.60 -16.17 7.09
C LEU B 89 -1.39 -17.46 7.87
N GLN B 90 -0.59 -17.40 8.93
CA GLN B 90 -0.12 -18.57 9.65
C GLN B 90 0.43 -18.15 11.02
N LEU B 91 0.49 -19.12 11.94
CA LEU B 91 1.28 -18.96 13.15
C LEU B 91 2.18 -20.18 13.35
N HIS B 92 3.24 -19.96 14.13
CA HIS B 92 4.23 -21.00 14.39
C HIS B 92 5.00 -20.63 15.66
N LEU B 93 5.80 -21.58 16.15
CA LEU B 93 6.37 -21.43 17.49
C LEU B 93 7.89 -21.58 17.40
N HIS B 94 8.57 -21.00 18.38
CA HIS B 94 9.99 -21.20 18.57
C HIS B 94 10.18 -21.68 20.00
N TRP B 95 11.01 -22.71 20.20
CA TRP B 95 11.18 -23.29 21.53
C TRP B 95 12.60 -23.80 21.72
N GLY B 96 12.88 -24.21 22.95
CA GLY B 96 14.25 -24.55 23.36
C GLY B 96 14.47 -26.06 23.41
N ALA B 97 14.88 -26.55 24.58
CA ALA B 97 14.95 -27.97 24.90
C ALA B 97 14.79 -28.14 26.42
N ALA B 98 15.15 -29.32 26.94
CA ALA B 98 15.12 -29.57 28.38
C ALA B 98 16.04 -28.59 29.11
N GLY B 99 15.44 -27.73 29.95
CA GLY B 99 16.17 -26.80 30.80
C GLY B 99 16.90 -25.71 30.03
N ARG B 100 16.38 -25.38 28.84
CA ARG B 100 16.98 -24.35 27.98
C ARG B 100 15.83 -23.61 27.27
N PRO B 101 15.70 -22.27 27.47
CA PRO B 101 14.65 -21.50 26.79
C PRO B 101 14.95 -21.32 25.29
N GLY B 102 13.90 -21.15 24.49
CA GLY B 102 14.07 -21.00 23.04
C GLY B 102 13.26 -19.86 22.39
N SER B 103 12.99 -18.77 23.12
CA SER B 103 12.39 -17.60 22.49
C SER B 103 13.41 -17.00 21.53
N GLU B 104 12.93 -16.22 20.54
CA GLU B 104 13.80 -15.53 19.59
C GLU B 104 14.16 -14.15 20.14
N HIS B 105 13.15 -13.34 20.47
CA HIS B 105 13.41 -12.11 21.19
C HIS B 105 13.80 -12.44 22.63
N THR B 106 14.67 -11.57 23.20
CA THR B 106 14.99 -11.55 24.62
C THR B 106 14.58 -10.19 25.19
N VAL B 107 14.40 -10.12 26.53
CA VAL B 107 14.15 -8.87 27.23
C VAL B 107 15.24 -8.71 28.29
N GLU B 108 16.02 -7.63 28.11
CA GLU B 108 17.24 -7.40 28.87
C GLU B 108 18.05 -8.68 29.04
N GLY B 109 18.25 -9.43 27.95
CA GLY B 109 19.13 -10.60 27.96
C GLY B 109 18.42 -11.89 28.37
N HIS B 110 17.21 -11.77 28.95
CA HIS B 110 16.43 -12.93 29.38
C HIS B 110 15.77 -13.59 28.17
N ARG B 111 16.06 -14.88 27.98
CA ARG B 111 15.40 -15.70 26.98
C ARG B 111 14.27 -16.47 27.64
N PHE B 112 13.06 -16.32 27.08
CA PHE B 112 11.88 -16.97 27.60
C PHE B 112 11.79 -18.38 27.03
N PRO B 113 11.02 -19.29 27.69
CA PRO B 113 10.90 -20.67 27.21
C PRO B 113 10.56 -20.86 25.73
N ALA B 114 9.64 -20.05 25.20
CA ALA B 114 9.21 -20.20 23.81
C ALA B 114 8.54 -18.90 23.36
N GLU B 115 8.25 -18.82 22.07
CA GLU B 115 7.67 -17.62 21.48
C GLU B 115 6.71 -18.05 20.38
N ILE B 116 5.55 -17.39 20.33
CA ILE B 116 4.62 -17.60 19.23
C ILE B 116 4.71 -16.43 18.26
N HIS B 117 4.63 -16.77 16.95
CA HIS B 117 4.63 -15.81 15.87
C HIS B 117 3.37 -15.95 15.01
N VAL B 118 2.61 -14.86 14.95
CA VAL B 118 1.49 -14.80 14.03
C VAL B 118 1.86 -13.86 12.89
N VAL B 119 2.04 -14.44 11.68
CA VAL B 119 2.53 -13.76 10.50
C VAL B 119 1.36 -13.29 9.67
N HIS B 120 1.42 -12.02 9.25
CA HIS B 120 0.34 -11.31 8.55
C HIS B 120 0.87 -10.66 7.27
N LEU B 121 -0.04 -10.47 6.30
CA LEU B 121 0.23 -9.81 5.04
C LEU B 121 -0.55 -8.50 4.98
N SER B 122 0.13 -7.41 4.63
CA SER B 122 -0.53 -6.14 4.39
C SER B 122 -1.64 -6.32 3.37
N THR B 123 -2.82 -5.71 3.61
CA THR B 123 -3.91 -5.72 2.66
C THR B 123 -3.57 -4.91 1.40
N ALA B 124 -2.46 -4.14 1.41
CA ALA B 124 -2.04 -3.36 0.25
C ALA B 124 -1.28 -4.24 -0.75
N PHE B 125 -1.05 -5.51 -0.37
CA PHE B 125 -0.26 -6.43 -1.18
C PHE B 125 -1.08 -7.72 -1.35
N ALA B 126 -1.33 -8.12 -2.61
CA ALA B 126 -2.09 -9.31 -2.94
C ALA B 126 -1.28 -10.58 -2.66
N ARG B 127 0.05 -10.52 -2.83
CA ARG B 127 0.92 -11.67 -2.68
C ARG B 127 2.00 -11.39 -1.64
N VAL B 128 2.41 -12.47 -0.95
CA VAL B 128 3.49 -12.45 0.02
C VAL B 128 4.79 -12.08 -0.66
N ASP B 129 5.01 -12.62 -1.88
CA ASP B 129 6.24 -12.43 -2.61
C ASP B 129 6.39 -10.99 -3.07
N GLU B 130 5.29 -10.25 -3.22
CA GLU B 130 5.37 -8.81 -3.45
C GLU B 130 5.69 -8.06 -2.16
N ALA B 131 5.25 -8.63 -1.02
CA ALA B 131 5.40 -7.97 0.28
C ALA B 131 6.84 -8.10 0.80
N LEU B 132 7.52 -9.20 0.46
CA LEU B 132 8.86 -9.48 0.96
C LEU B 132 9.82 -8.35 0.56
N GLY B 133 10.53 -7.80 1.57
CA GLY B 133 11.51 -6.74 1.32
C GLY B 133 10.86 -5.37 1.28
N ARG B 134 9.51 -5.30 1.29
CA ARG B 134 8.84 -4.01 1.25
C ARG B 134 8.48 -3.60 2.67
N PRO B 135 8.65 -2.31 3.04
CA PRO B 135 8.41 -1.86 4.40
C PRO B 135 6.93 -2.04 4.76
N GLY B 136 6.72 -2.78 5.83
CA GLY B 136 5.37 -2.99 6.29
C GLY B 136 4.58 -4.02 5.49
N GLY B 137 5.17 -4.66 4.48
CA GLY B 137 4.51 -5.71 3.71
C GLY B 137 3.97 -6.84 4.58
N LEU B 138 4.83 -7.33 5.48
CA LEU B 138 4.52 -8.34 6.48
C LEU B 138 4.60 -7.73 7.89
N ALA B 139 3.71 -8.18 8.76
CA ALA B 139 3.74 -7.86 10.16
C ALA B 139 3.59 -9.15 10.94
N VAL B 140 4.44 -9.31 11.95
CA VAL B 140 4.34 -10.42 12.89
C VAL B 140 3.93 -9.93 14.28
N LEU B 141 2.94 -10.62 14.88
CA LEU B 141 2.63 -10.49 16.30
C LEU B 141 3.40 -11.56 17.06
N ALA B 142 4.20 -11.16 18.04
CA ALA B 142 5.03 -12.08 18.79
C ALA B 142 4.66 -12.00 20.28
N ALA B 143 4.60 -13.17 20.92
CA ALA B 143 4.37 -13.21 22.37
C ALA B 143 5.32 -14.22 23.00
N PHE B 144 5.77 -13.94 24.24
CA PHE B 144 6.61 -14.89 24.97
C PHE B 144 5.70 -15.86 25.69
N LEU B 145 6.08 -17.15 25.59
CA LEU B 145 5.49 -18.20 26.39
C LEU B 145 6.39 -18.46 27.58
N GLU B 146 5.82 -18.49 28.79
CA GLU B 146 6.59 -18.92 29.95
C GLU B 146 5.78 -19.90 30.81
N GLU B 147 6.44 -20.39 31.86
CA GLU B 147 5.92 -21.44 32.71
C GLU B 147 5.04 -20.84 33.81
N GLY B 148 3.82 -21.39 33.92
CA GLY B 148 2.92 -21.12 35.03
C GLY B 148 2.38 -22.42 35.61
N PRO B 149 1.67 -22.38 36.75
CA PRO B 149 1.22 -23.60 37.43
C PRO B 149 0.09 -24.32 36.70
N GLU B 150 -0.61 -23.62 35.79
CA GLU B 150 -1.82 -24.15 35.19
C GLU B 150 -1.58 -24.54 33.73
N GLU B 151 -2.33 -25.57 33.33
CA GLU B 151 -2.35 -26.06 31.95
C GLU B 151 -3.11 -25.04 31.09
N ASN B 152 -2.55 -24.70 29.93
CA ASN B 152 -3.13 -23.68 29.07
C ASN B 152 -4.06 -24.36 28.09
N SER B 153 -5.35 -24.00 28.15
CA SER B 153 -6.39 -24.61 27.32
C SER B 153 -6.18 -24.34 25.83
N ALA B 154 -5.92 -23.06 25.50
CA ALA B 154 -5.71 -22.64 24.12
C ALA B 154 -4.59 -23.48 23.50
N TYR B 155 -3.44 -23.58 24.19
CA TYR B 155 -2.28 -24.21 23.62
C TYR B 155 -2.39 -25.74 23.62
N GLU B 156 -3.19 -26.30 24.53
CA GLU B 156 -3.45 -27.73 24.56
C GLU B 156 -4.04 -28.22 23.23
N GLN B 157 -4.87 -27.40 22.57
CA GLN B 157 -5.46 -27.79 21.30
C GLN B 157 -4.41 -28.09 20.23
N LEU B 158 -3.19 -27.53 20.39
CA LEU B 158 -2.13 -27.69 19.42
C LEU B 158 -1.09 -28.70 19.87
N LEU B 159 -0.70 -28.61 21.16
CA LEU B 159 0.33 -29.46 21.76
C LEU B 159 -0.13 -30.92 21.78
N SER B 160 -1.42 -31.14 22.07
CA SER B 160 -2.01 -32.47 22.08
C SER B 160 -1.96 -33.15 20.72
N ARG B 161 -1.69 -32.40 19.63
CA ARG B 161 -1.76 -32.92 18.28
C ARG B 161 -0.37 -33.07 17.66
N LEU B 162 0.70 -32.87 18.45
CA LEU B 162 2.06 -32.84 17.96
C LEU B 162 2.63 -34.25 17.74
N GLU B 163 2.24 -35.24 18.56
CA GLU B 163 2.72 -36.61 18.43
C GLU B 163 2.37 -37.08 17.01
N GLU B 164 1.14 -36.81 16.60
CA GLU B 164 0.66 -37.17 15.27
C GLU B 164 1.55 -36.67 14.13
N ILE B 165 2.32 -35.57 14.34
CA ILE B 165 3.11 -34.97 13.26
C ILE B 165 4.58 -34.88 13.65
N ALA B 166 5.09 -35.90 14.36
CA ALA B 166 6.46 -35.90 14.85
C ALA B 166 7.46 -36.04 13.69
N GLU B 167 7.09 -36.72 12.60
CA GLU B 167 7.98 -36.90 11.46
C GLU B 167 8.09 -35.58 10.70
N GLU B 168 9.33 -35.10 10.50
CA GLU B 168 9.58 -33.99 9.59
C GLU B 168 8.71 -34.18 8.34
N GLY B 169 7.94 -33.16 7.98
CA GLY B 169 7.18 -33.18 6.73
C GLY B 169 5.77 -33.73 6.93
N SER B 170 5.46 -34.25 8.12
CA SER B 170 4.13 -34.75 8.38
C SER B 170 3.23 -33.57 8.73
N GLU B 171 1.91 -33.83 8.65
CA GLU B 171 0.88 -32.83 8.83
C GLU B 171 -0.42 -33.52 9.22
N THR B 172 -1.28 -32.78 9.93
CA THR B 172 -2.60 -33.25 10.32
C THR B 172 -3.58 -32.09 10.11
N GLN B 173 -4.87 -32.37 10.25
CA GLN B 173 -5.91 -31.36 10.28
C GLN B 173 -6.39 -31.22 11.73
N VAL B 174 -6.67 -29.99 12.18
CA VAL B 174 -7.10 -29.78 13.56
C VAL B 174 -8.36 -28.95 13.52
N PRO B 175 -9.25 -29.06 14.54
CA PRO B 175 -10.44 -28.22 14.56
C PRO B 175 -10.05 -26.75 14.65
N GLY B 176 -10.90 -25.89 14.09
CA GLY B 176 -10.84 -24.47 14.34
C GLY B 176 -10.76 -24.19 15.83
N LEU B 177 -10.00 -23.15 16.16
CA LEU B 177 -9.82 -22.68 17.53
C LEU B 177 -9.83 -21.16 17.55
N ASP B 178 -9.96 -20.61 18.75
CA ASP B 178 -9.86 -19.16 18.94
C ASP B 178 -8.38 -18.81 19.03
N ILE B 179 -7.84 -18.28 17.93
CA ILE B 179 -6.42 -17.96 17.77
C ILE B 179 -6.01 -16.84 18.75
N SER B 180 -6.96 -15.93 19.01
CA SER B 180 -6.76 -14.78 19.86
C SER B 180 -6.53 -15.20 21.31
N ALA B 181 -7.01 -16.42 21.66
CA ALA B 181 -6.81 -16.99 22.98
C ALA B 181 -5.35 -17.41 23.23
N LEU B 182 -4.55 -17.55 22.18
CA LEU B 182 -3.13 -17.86 22.26
C LEU B 182 -2.28 -16.63 22.62
N LEU B 183 -2.95 -15.46 22.75
CA LEU B 183 -2.22 -14.20 22.89
C LEU B 183 -2.50 -13.58 24.24
N PRO B 184 -1.57 -12.69 24.68
CA PRO B 184 -1.64 -12.06 26.01
C PRO B 184 -2.88 -11.22 26.22
N SER B 185 -3.05 -10.82 27.49
CA SER B 185 -4.25 -10.16 27.98
C SER B 185 -4.43 -8.75 27.42
N ASP B 186 -3.36 -7.94 27.46
CA ASP B 186 -3.50 -6.51 27.16
C ASP B 186 -2.96 -6.16 25.76
N PHE B 187 -3.85 -5.90 24.82
CA PHE B 187 -3.53 -5.54 23.44
C PHE B 187 -3.05 -4.09 23.30
N SER B 188 -2.99 -3.32 24.41
CA SER B 188 -2.58 -1.91 24.37
C SER B 188 -1.13 -1.71 24.78
N ARG B 189 -0.47 -2.82 25.16
CA ARG B 189 0.87 -2.83 25.72
C ARG B 189 1.77 -3.74 24.89
N TYR B 190 2.61 -3.11 24.07
CA TYR B 190 3.52 -3.82 23.20
C TYR B 190 4.74 -2.93 22.86
N PHE B 191 5.76 -3.61 22.33
CA PHE B 191 6.91 -3.02 21.69
C PHE B 191 6.78 -3.23 20.18
N GLN B 192 7.35 -2.30 19.39
CA GLN B 192 7.26 -2.38 17.94
C GLN B 192 8.55 -1.86 17.29
N TYR B 193 9.02 -2.62 16.30
CA TYR B 193 10.18 -2.20 15.54
C TYR B 193 10.08 -2.87 14.18
N GLU B 194 10.95 -2.39 13.29
CA GLU B 194 11.05 -2.94 11.95
C GLU B 194 12.34 -3.74 11.82
N GLY B 195 12.22 -4.99 11.34
CA GLY B 195 13.33 -5.91 11.13
C GLY B 195 13.05 -6.88 9.99
N SER B 196 13.32 -8.18 10.25
CA SER B 196 13.40 -9.17 9.20
C SER B 196 12.69 -10.46 9.59
N LEU B 197 12.50 -11.34 8.59
CA LEU B 197 12.27 -12.74 8.87
C LEU B 197 13.48 -13.27 9.64
N THR B 198 13.23 -14.13 10.64
CA THR B 198 14.31 -14.63 11.48
C THR B 198 14.93 -15.91 10.89
N THR B 199 14.38 -16.39 9.77
CA THR B 199 15.07 -17.41 8.99
C THR B 199 15.27 -16.93 7.56
N PRO B 200 16.16 -17.57 6.78
CA PRO B 200 16.22 -17.37 5.32
C PRO B 200 14.80 -17.37 4.73
N PRO B 201 14.46 -16.46 3.78
CA PRO B 201 15.41 -15.49 3.23
C PRO B 201 15.78 -14.18 3.97
N CYS B 202 15.40 -14.05 5.25
CA CYS B 202 15.84 -12.95 6.09
C CYS B 202 15.45 -11.59 5.49
N ALA B 203 14.27 -11.56 4.83
CA ALA B 203 13.82 -10.35 4.17
C ALA B 203 13.55 -9.27 5.23
N GLN B 204 13.89 -8.02 4.90
CA GLN B 204 13.70 -6.85 5.76
C GLN B 204 12.37 -6.16 5.46
N GLY B 205 12.04 -5.12 6.25
CA GLY B 205 10.79 -4.40 6.12
C GLY B 205 9.61 -5.07 6.85
N VAL B 206 9.90 -6.04 7.74
CA VAL B 206 8.91 -6.69 8.58
C VAL B 206 8.66 -5.86 9.84
N ILE B 207 7.39 -5.50 10.09
CA ILE B 207 7.05 -4.85 11.35
C ILE B 207 6.81 -5.89 12.43
N TRP B 208 7.68 -5.89 13.45
CA TRP B 208 7.53 -6.73 14.61
C TRP B 208 6.80 -6.00 15.73
N THR B 209 5.74 -6.64 16.24
CA THR B 209 5.03 -6.21 17.45
C THR B 209 5.16 -7.31 18.48
N VAL B 210 5.84 -6.98 19.61
CA VAL B 210 6.06 -7.92 20.70
C VAL B 210 5.27 -7.49 21.94
N PHE B 211 4.31 -8.32 22.34
CA PHE B 211 3.49 -8.04 23.49
C PHE B 211 4.36 -7.87 24.71
N GLN B 212 4.05 -6.88 25.53
CA GLN B 212 4.74 -6.73 26.80
C GLN B 212 4.40 -7.89 27.75
N GLN B 213 3.14 -8.32 27.82
CA GLN B 213 2.77 -9.42 28.72
C GLN B 213 2.97 -10.76 28.02
N THR B 214 3.12 -11.80 28.85
CA THR B 214 3.37 -13.15 28.41
C THR B 214 2.10 -14.00 28.52
N VAL B 215 2.16 -15.19 27.92
CA VAL B 215 1.22 -16.25 28.21
C VAL B 215 1.95 -17.35 28.97
N MET B 216 1.18 -18.10 29.77
CA MET B 216 1.69 -19.18 30.62
C MET B 216 1.21 -20.54 30.10
N LEU B 217 2.15 -21.49 30.04
CA LEU B 217 1.91 -22.91 29.83
C LEU B 217 2.47 -23.67 31.03
N SER B 218 1.93 -24.87 31.31
CA SER B 218 2.49 -25.75 32.32
C SER B 218 3.85 -26.29 31.86
N ALA B 219 4.67 -26.75 32.80
CA ALA B 219 5.95 -27.39 32.49
C ALA B 219 5.76 -28.60 31.57
N LYS B 220 4.65 -29.36 31.78
CA LYS B 220 4.31 -30.50 30.93
C LYS B 220 4.10 -30.04 29.48
N GLN B 221 3.36 -28.94 29.29
CA GLN B 221 3.10 -28.37 27.97
C GLN B 221 4.40 -27.94 27.29
N LEU B 222 5.28 -27.24 28.03
CA LEU B 222 6.56 -26.81 27.47
C LEU B 222 7.46 -28.01 27.16
N HIS B 223 7.40 -29.08 27.97
CA HIS B 223 8.09 -30.33 27.62
C HIS B 223 7.45 -30.91 26.35
N THR B 224 6.11 -31.03 26.34
CA THR B 224 5.42 -31.53 25.16
C THR B 224 5.92 -30.79 23.90
N LEU B 225 6.05 -29.45 23.99
CA LEU B 225 6.44 -28.63 22.84
C LEU B 225 7.85 -28.97 22.34
N SER B 226 8.82 -29.06 23.26
CA SER B 226 10.23 -29.18 22.88
C SER B 226 10.64 -30.64 22.61
N ASP B 227 9.85 -31.62 23.04
CA ASP B 227 10.30 -33.00 23.03
C ASP B 227 9.61 -33.88 22.00
N THR B 228 8.57 -33.40 21.31
CA THR B 228 7.77 -34.29 20.47
C THR B 228 8.29 -34.38 19.03
N LEU B 229 8.83 -33.28 18.48
CA LEU B 229 8.99 -33.17 17.04
C LEU B 229 10.44 -33.51 16.63
N TRP B 230 10.56 -34.10 15.42
CA TRP B 230 11.84 -34.45 14.82
C TRP B 230 12.11 -33.52 13.62
N GLY B 231 13.36 -33.02 13.56
CA GLY B 231 13.79 -32.05 12.56
C GLY B 231 14.46 -32.73 11.37
N PRO B 232 15.34 -32.02 10.61
CA PRO B 232 16.12 -32.63 9.53
C PRO B 232 17.11 -33.68 10.04
N GLY B 233 17.40 -34.68 9.20
CA GLY B 233 18.29 -35.78 9.55
C GLY B 233 17.77 -36.61 10.73
N ASP B 234 18.69 -37.11 11.55
CA ASP B 234 18.36 -37.81 12.78
C ASP B 234 18.59 -36.87 13.96
N SER B 235 17.74 -35.84 14.07
CA SER B 235 17.89 -34.76 15.05
C SER B 235 16.54 -34.31 15.60
N ARG B 236 16.51 -33.87 16.86
CA ARG B 236 15.32 -33.30 17.46
C ARG B 236 15.06 -31.92 16.88
N LEU B 237 13.78 -31.58 16.66
CA LEU B 237 13.40 -30.21 16.34
C LEU B 237 13.32 -29.42 17.65
N GLN B 238 14.42 -28.72 17.94
CA GLN B 238 14.64 -28.02 19.20
C GLN B 238 15.55 -26.81 18.95
N LEU B 239 15.51 -25.84 19.89
CA LEU B 239 16.36 -24.65 19.83
C LEU B 239 16.26 -24.00 18.44
N ASN B 240 15.00 -23.81 17.99
CA ASN B 240 14.71 -23.38 16.62
C ASN B 240 14.56 -21.85 16.64
N PHE B 241 15.66 -21.19 17.04
CA PHE B 241 15.69 -19.75 17.25
C PHE B 241 17.02 -19.22 16.73
N ARG B 242 16.97 -17.99 16.22
CA ARG B 242 18.14 -17.33 15.69
C ARG B 242 18.78 -16.55 16.85
N ALA B 243 20.08 -16.37 16.78
CA ALA B 243 20.77 -15.42 17.64
C ALA B 243 20.23 -13.99 17.46
N THR B 244 20.37 -13.23 18.56
CA THR B 244 20.08 -11.82 18.74
C THR B 244 20.89 -10.97 17.77
N GLN B 245 20.20 -10.12 17.00
CA GLN B 245 20.81 -9.25 16.03
C GLN B 245 20.88 -7.82 16.58
N PRO B 246 21.92 -7.03 16.22
CA PRO B 246 22.00 -5.62 16.64
C PRO B 246 20.97 -4.68 16.02
N LEU B 247 20.57 -3.67 16.80
CA LEU B 247 19.57 -2.71 16.36
C LEU B 247 20.08 -1.81 15.24
N ASN B 248 21.39 -1.51 15.25
CA ASN B 248 22.03 -0.69 14.26
C ASN B 248 21.35 0.67 14.16
N GLY B 249 21.04 1.25 15.33
CA GLY B 249 20.46 2.59 15.40
C GLY B 249 18.94 2.61 15.43
N ARG B 250 18.30 1.46 15.16
CA ARG B 250 16.84 1.35 15.25
C ARG B 250 16.42 1.54 16.70
N VAL B 251 15.37 2.33 16.95
CA VAL B 251 14.84 2.53 18.29
C VAL B 251 13.53 1.73 18.42
N ILE B 252 13.46 0.85 19.43
CA ILE B 252 12.24 0.08 19.66
C ILE B 252 11.23 1.04 20.29
N GLU B 253 10.02 1.04 19.74
CA GLU B 253 8.97 1.85 20.30
C GLU B 253 8.17 1.02 21.31
N ALA B 254 7.58 1.74 22.29
CA ALA B 254 6.65 1.18 23.26
C ALA B 254 5.35 2.00 23.27
N SER B 255 4.24 1.28 23.48
CA SER B 255 2.89 1.79 23.45
C SER B 255 2.42 2.26 24.83
N PHE B 256 3.32 2.22 25.82
CA PHE B 256 3.02 2.57 27.19
C PHE B 256 4.21 3.35 27.77
N PRO B 257 3.96 4.27 28.75
CA PRO B 257 5.00 5.08 29.37
C PRO B 257 5.90 4.20 30.23
N TRP C 7 -46.55 -1.20 3.24
CA TRP C 7 -46.31 -0.01 4.10
C TRP C 7 -45.69 1.11 3.26
N ARG C 8 -45.93 2.35 3.70
CA ARG C 8 -45.41 3.55 3.05
C ARG C 8 -44.95 4.51 4.15
N TYR C 9 -44.14 5.50 3.76
CA TYR C 9 -43.81 6.62 4.64
C TYR C 9 -44.88 7.70 4.50
N GLY C 10 -45.29 8.30 5.65
CA GLY C 10 -46.23 9.41 5.69
C GLY C 10 -47.59 9.10 5.06
N GLY C 11 -48.25 8.03 5.51
CA GLY C 11 -49.53 7.62 4.97
C GLY C 11 -49.80 6.14 5.20
N ASP C 12 -51.08 5.81 5.44
CA ASP C 12 -51.55 4.49 5.82
C ASP C 12 -51.07 3.40 4.84
N PRO C 13 -51.11 2.09 5.20
CA PRO C 13 -51.65 1.58 6.48
C PRO C 13 -50.80 1.85 7.72
N PRO C 14 -51.39 1.87 8.94
CA PRO C 14 -50.66 2.17 10.17
C PRO C 14 -49.81 0.94 10.52
N TRP C 15 -48.54 1.19 10.88
CA TRP C 15 -47.50 0.19 10.78
C TRP C 15 -47.81 -1.06 11.61
N PRO C 16 -48.34 -0.97 12.86
CA PRO C 16 -48.85 -2.15 13.58
C PRO C 16 -49.93 -3.02 12.92
N ARG C 17 -50.58 -2.53 11.84
CA ARG C 17 -51.51 -3.34 11.05
C ARG C 17 -50.73 -4.15 10.01
N VAL C 18 -49.57 -3.65 9.59
CA VAL C 18 -48.68 -4.37 8.68
C VAL C 18 -47.80 -5.31 9.52
N SER C 19 -47.21 -4.76 10.58
CA SER C 19 -46.31 -5.48 11.47
C SER C 19 -46.68 -5.15 12.91
N PRO C 20 -47.44 -6.03 13.62
CA PRO C 20 -47.68 -5.89 15.05
C PRO C 20 -46.40 -5.71 15.88
N ALA C 21 -45.28 -6.24 15.37
CA ALA C 21 -43.95 -6.03 15.92
C ALA C 21 -43.67 -4.53 16.10
N CYS C 22 -44.16 -3.72 15.16
CA CYS C 22 -43.94 -2.28 15.21
C CYS C 22 -44.55 -1.62 16.43
N ALA C 23 -45.39 -2.33 17.22
CA ALA C 23 -45.94 -1.76 18.43
C ALA C 23 -45.31 -2.39 19.65
N GLY C 24 -44.14 -3.04 19.47
CA GLY C 24 -43.28 -3.42 20.59
C GLY C 24 -42.92 -2.24 21.49
N ARG C 25 -42.43 -2.57 22.69
CA ARG C 25 -42.11 -1.61 23.73
C ARG C 25 -40.72 -0.99 23.55
N PHE C 26 -39.91 -1.54 22.64
CA PHE C 26 -38.48 -1.24 22.60
C PHE C 26 -38.09 -0.95 21.16
N GLN C 27 -38.70 0.12 20.62
CA GLN C 27 -38.61 0.43 19.22
C GLN C 27 -37.61 1.57 19.02
N SER C 28 -37.23 1.74 17.76
CA SER C 28 -36.32 2.75 17.24
C SER C 28 -37.02 3.49 16.10
N PRO C 29 -36.67 4.75 15.77
CA PRO C 29 -35.63 5.52 16.47
C PRO C 29 -36.14 6.17 17.74
N VAL C 30 -35.22 6.79 18.48
CA VAL C 30 -35.52 7.43 19.74
C VAL C 30 -34.91 8.84 19.75
N ASP C 31 -35.30 9.62 20.77
CA ASP C 31 -34.78 10.95 20.98
C ASP C 31 -33.67 10.84 22.01
N ILE C 32 -32.46 11.26 21.61
CA ILE C 32 -31.31 11.19 22.49
C ILE C 32 -31.23 12.49 23.28
N ARG C 33 -31.09 12.32 24.59
CA ARG C 33 -31.02 13.44 25.51
C ARG C 33 -29.73 13.26 26.28
N PRO C 34 -28.64 13.91 25.82
CA PRO C 34 -27.30 13.66 26.37
C PRO C 34 -27.15 13.78 27.88
N GLN C 35 -27.93 14.67 28.53
CA GLN C 35 -27.84 14.90 29.98
C GLN C 35 -28.31 13.69 30.76
N LEU C 36 -29.28 12.96 30.19
CA LEU C 36 -29.89 11.79 30.81
C LEU C 36 -29.17 10.49 30.40
N ALA C 37 -28.35 10.54 29.34
CA ALA C 37 -27.53 9.39 28.95
C ALA C 37 -26.63 9.01 30.11
N ALA C 38 -26.41 7.71 30.28
CA ALA C 38 -25.53 7.19 31.31
C ALA C 38 -24.14 6.98 30.72
N PHE C 39 -23.13 7.59 31.35
CA PHE C 39 -21.74 7.38 30.96
C PHE C 39 -21.32 6.01 31.43
N SER C 40 -20.85 5.18 30.48
CA SER C 40 -20.45 3.81 30.75
C SER C 40 -19.03 3.63 30.25
N PRO C 41 -18.01 3.70 31.14
CA PRO C 41 -16.60 3.64 30.74
C PRO C 41 -16.12 2.34 30.09
N ALA C 42 -16.95 1.28 30.17
CA ALA C 42 -16.62 0.00 29.56
C ALA C 42 -16.83 0.04 28.04
N LEU C 43 -17.58 1.04 27.55
CA LEU C 43 -17.75 1.27 26.13
C LEU C 43 -16.44 1.71 25.50
N ARG C 44 -15.82 0.83 24.70
CA ARG C 44 -14.52 1.10 24.14
C ARG C 44 -14.68 1.57 22.69
N PRO C 45 -13.61 2.09 22.08
CA PRO C 45 -13.68 2.60 20.69
C PRO C 45 -14.12 1.51 19.72
N LEU C 46 -15.02 1.87 18.81
CA LEU C 46 -15.48 0.99 17.72
C LEU C 46 -14.27 0.54 16.90
N GLU C 47 -14.25 -0.73 16.51
CA GLU C 47 -13.21 -1.25 15.61
C GLU C 47 -13.87 -1.65 14.30
N LEU C 48 -13.38 -1.10 13.18
CA LEU C 48 -13.92 -1.34 11.84
C LEU C 48 -12.76 -1.70 10.92
N LEU C 49 -12.59 -2.97 10.56
CA LEU C 49 -11.55 -3.43 9.66
C LEU C 49 -12.17 -3.96 8.37
N GLY C 50 -11.45 -3.74 7.27
CA GLY C 50 -11.81 -4.22 5.94
C GLY C 50 -12.72 -3.27 5.19
N PHE C 51 -12.95 -2.07 5.74
CA PHE C 51 -13.93 -1.15 5.17
C PHE C 51 -13.38 -0.36 3.98
N GLN C 52 -12.05 -0.37 3.78
CA GLN C 52 -11.42 0.41 2.72
C GLN C 52 -11.38 -0.43 1.45
N LEU C 53 -12.47 -0.39 0.68
CA LEU C 53 -12.63 -1.32 -0.41
C LEU C 53 -11.85 -0.83 -1.63
N PRO C 54 -11.30 -1.76 -2.44
CA PRO C 54 -10.69 -1.38 -3.72
C PRO C 54 -11.78 -1.08 -4.75
N PRO C 55 -11.44 -0.45 -5.89
CA PRO C 55 -12.40 -0.19 -6.97
C PRO C 55 -13.16 -1.40 -7.55
N LEU C 56 -12.53 -2.58 -7.58
CA LEU C 56 -13.19 -3.80 -8.03
C LEU C 56 -13.09 -4.86 -6.94
N PRO C 57 -14.15 -5.66 -6.69
CA PRO C 57 -15.38 -5.59 -7.51
C PRO C 57 -16.31 -4.40 -7.20
N GLU C 58 -17.25 -4.15 -8.12
CA GLU C 58 -18.24 -3.08 -7.97
C GLU C 58 -19.32 -3.51 -6.97
N LEU C 59 -20.10 -2.52 -6.53
CA LEU C 59 -21.12 -2.71 -5.52
C LEU C 59 -22.49 -2.36 -6.09
N ARG C 60 -23.48 -3.18 -5.71
CA ARG C 60 -24.87 -2.92 -6.06
C ARG C 60 -25.39 -1.72 -5.26
N LEU C 61 -25.87 -0.67 -5.95
CA LEU C 61 -26.61 0.40 -5.30
C LEU C 61 -28.04 0.43 -5.86
N ARG C 62 -29.06 0.29 -4.98
CA ARG C 62 -30.45 0.07 -5.41
C ARG C 62 -31.33 1.19 -4.85
N ASN C 63 -32.28 1.66 -5.68
CA ASN C 63 -33.44 2.39 -5.18
C ASN C 63 -34.53 1.36 -4.91
N ASN C 64 -34.90 1.19 -3.64
CA ASN C 64 -35.86 0.17 -3.24
C ASN C 64 -37.20 0.84 -2.89
N GLY C 65 -37.29 2.16 -3.10
CA GLY C 65 -38.51 2.91 -2.88
C GLY C 65 -38.65 3.46 -1.45
N HIS C 66 -37.85 2.92 -0.52
CA HIS C 66 -37.85 3.31 0.89
C HIS C 66 -36.55 4.06 1.25
N SER C 67 -35.46 3.70 0.55
CA SER C 67 -34.16 4.35 0.67
C SER C 67 -33.33 4.01 -0.57
N VAL C 68 -32.10 4.55 -0.60
CA VAL C 68 -31.04 4.04 -1.46
C VAL C 68 -30.13 3.17 -0.58
N GLN C 69 -29.87 1.96 -1.10
CA GLN C 69 -29.19 0.91 -0.36
C GLN C 69 -28.00 0.44 -1.17
N LEU C 70 -26.82 0.44 -0.50
CA LEU C 70 -25.58 -0.09 -1.03
C LEU C 70 -25.32 -1.45 -0.39
N THR C 71 -25.08 -2.47 -1.23
CA THR C 71 -24.78 -3.79 -0.71
C THR C 71 -23.27 -3.86 -0.47
N LEU C 72 -22.90 -4.35 0.73
CA LEU C 72 -21.50 -4.42 1.10
C LEU C 72 -21.05 -5.87 0.92
N PRO C 73 -19.78 -6.06 0.47
CA PRO C 73 -19.23 -7.39 0.28
C PRO C 73 -18.83 -8.06 1.59
N PRO C 74 -18.41 -9.35 1.55
CA PRO C 74 -17.87 -10.00 2.74
C PRO C 74 -16.58 -9.31 3.18
N GLY C 75 -16.31 -9.34 4.49
CA GLY C 75 -15.00 -9.01 5.05
C GLY C 75 -14.94 -7.62 5.70
N LEU C 76 -16.09 -6.93 5.78
CA LEU C 76 -16.15 -5.71 6.59
C LEU C 76 -16.47 -6.11 8.03
N GLU C 77 -15.44 -6.21 8.87
CA GLU C 77 -15.57 -6.71 10.24
C GLU C 77 -15.62 -5.52 11.20
N MET C 78 -16.52 -5.62 12.20
CA MET C 78 -16.77 -4.54 13.13
C MET C 78 -16.89 -5.18 14.53
N ALA C 79 -16.35 -4.51 15.56
CA ALA C 79 -16.49 -4.98 16.94
C ALA C 79 -17.02 -3.86 17.83
N LEU C 80 -18.02 -4.18 18.68
CA LEU C 80 -18.60 -3.26 19.66
C LEU C 80 -17.87 -3.37 21.01
N GLY C 81 -17.15 -4.47 21.20
CA GLY C 81 -16.50 -4.82 22.44
C GLY C 81 -15.71 -6.11 22.23
N PRO C 82 -14.95 -6.57 23.25
CA PRO C 82 -14.11 -7.76 23.11
C PRO C 82 -14.98 -9.00 22.83
N GLY C 83 -14.73 -9.64 21.68
CA GLY C 83 -15.46 -10.85 21.29
C GLY C 83 -16.90 -10.57 20.84
N ARG C 84 -17.29 -9.29 20.74
CA ARG C 84 -18.61 -8.90 20.27
C ARG C 84 -18.46 -8.34 18.86
N GLU C 85 -18.32 -9.27 17.89
CA GLU C 85 -18.00 -8.96 16.52
C GLU C 85 -19.20 -9.18 15.58
N TYR C 86 -19.07 -8.52 14.43
CA TYR C 86 -20.12 -8.23 13.43
C TYR C 86 -19.50 -8.17 12.03
N ARG C 87 -20.32 -8.42 11.00
CA ARG C 87 -19.90 -8.19 9.63
C ARG C 87 -20.94 -7.28 8.98
N ALA C 88 -20.44 -6.28 8.26
CA ALA C 88 -21.31 -5.31 7.60
C ALA C 88 -22.02 -5.98 6.42
N LEU C 89 -23.31 -5.63 6.26
CA LEU C 89 -24.19 -6.21 5.25
C LEU C 89 -24.52 -5.19 4.16
N GLN C 90 -24.92 -4.00 4.59
CA GLN C 90 -25.43 -2.98 3.68
C GLN C 90 -25.43 -1.63 4.36
N LEU C 91 -25.57 -0.55 3.59
CA LEU C 91 -25.90 0.72 4.22
C LEU C 91 -26.95 1.43 3.38
N HIS C 92 -27.62 2.39 4.02
CA HIS C 92 -28.66 3.18 3.40
C HIS C 92 -28.80 4.49 4.19
N LEU C 93 -29.61 5.39 3.64
CA LEU C 93 -29.78 6.74 4.16
C LEU C 93 -31.26 7.04 4.43
N HIS C 94 -31.47 8.02 5.32
CA HIS C 94 -32.77 8.59 5.63
C HIS C 94 -32.68 10.10 5.57
N TRP C 95 -33.69 10.77 5.01
CA TRP C 95 -33.57 12.17 4.66
C TRP C 95 -34.95 12.82 4.50
N GLY C 96 -34.96 14.15 4.49
CA GLY C 96 -36.21 14.90 4.47
C GLY C 96 -36.56 15.41 3.09
N ALA C 97 -36.76 16.73 2.99
CA ALA C 97 -37.08 17.39 1.72
C ALA C 97 -36.69 18.86 1.80
N ALA C 98 -36.97 19.61 0.72
CA ALA C 98 -36.69 21.03 0.64
C ALA C 98 -37.06 21.72 1.95
N GLY C 99 -36.04 22.21 2.67
CA GLY C 99 -36.20 23.02 3.88
C GLY C 99 -36.58 22.21 5.13
N ARG C 100 -36.50 20.87 5.04
CA ARG C 100 -37.05 20.01 6.08
C ARG C 100 -36.10 18.85 6.37
N PRO C 101 -35.60 18.74 7.63
CA PRO C 101 -34.67 17.65 7.99
C PRO C 101 -35.37 16.29 8.08
N GLY C 102 -34.59 15.21 7.94
CA GLY C 102 -35.15 13.87 7.87
C GLY C 102 -34.26 12.81 8.50
N SER C 103 -33.47 13.20 9.50
CA SER C 103 -32.78 12.20 10.31
C SER C 103 -33.84 11.37 11.04
N GLU C 104 -33.47 10.15 11.48
CA GLU C 104 -34.39 9.30 12.24
C GLU C 104 -34.29 9.59 13.74
N HIS C 105 -33.08 9.43 14.29
CA HIS C 105 -32.82 9.81 15.67
C HIS C 105 -32.81 11.35 15.76
N THR C 106 -32.97 11.84 16.99
CA THR C 106 -32.99 13.26 17.29
C THR C 106 -32.19 13.41 18.58
N VAL C 107 -31.69 14.65 18.77
CA VAL C 107 -30.93 15.03 19.95
C VAL C 107 -31.64 16.23 20.57
N GLU C 108 -32.05 16.11 21.84
CA GLU C 108 -32.94 17.04 22.53
C GLU C 108 -33.94 17.65 21.54
N GLY C 109 -34.60 16.82 20.72
CA GLY C 109 -35.66 17.29 19.84
C GLY C 109 -35.18 17.72 18.45
N HIS C 110 -33.86 17.91 18.26
CA HIS C 110 -33.34 18.37 16.99
C HIS C 110 -33.25 17.22 15.98
N ARG C 111 -33.96 17.36 14.86
CA ARG C 111 -33.84 16.46 13.73
C ARG C 111 -32.80 17.05 12.77
N PHE C 112 -31.83 16.21 12.38
CA PHE C 112 -30.72 16.60 11.52
C PHE C 112 -31.13 16.37 10.07
N PRO C 113 -30.47 17.03 9.10
CA PRO C 113 -30.85 16.88 7.70
C PRO C 113 -31.01 15.45 7.16
N ALA C 114 -30.11 14.55 7.58
CA ALA C 114 -30.14 13.16 7.11
C ALA C 114 -29.35 12.28 8.08
N GLU C 115 -29.27 10.96 7.77
CA GLU C 115 -28.75 9.97 8.70
C GLU C 115 -28.31 8.78 7.86
N ILE C 116 -27.14 8.23 8.17
CA ILE C 116 -26.63 7.04 7.50
C ILE C 116 -26.74 5.87 8.47
N HIS C 117 -27.12 4.70 7.96
CA HIS C 117 -27.19 3.48 8.73
C HIS C 117 -26.35 2.42 8.05
N VAL C 118 -25.37 1.89 8.80
CA VAL C 118 -24.60 0.74 8.36
C VAL C 118 -25.03 -0.47 9.20
N VAL C 119 -25.66 -1.44 8.54
CA VAL C 119 -26.31 -2.56 9.20
C VAL C 119 -25.39 -3.77 9.21
N HIS C 120 -25.22 -4.38 10.38
CA HIS C 120 -24.28 -5.49 10.57
C HIS C 120 -24.98 -6.69 11.17
N LEU C 121 -24.36 -7.86 10.97
CA LEU C 121 -24.82 -9.14 11.49
C LEU C 121 -23.76 -9.69 12.46
N SER C 122 -24.20 -10.04 13.66
CA SER C 122 -23.37 -10.76 14.59
C SER C 122 -22.77 -11.99 13.92
N THR C 123 -21.48 -12.20 14.16
CA THR C 123 -20.74 -13.32 13.60
C THR C 123 -21.11 -14.61 14.31
N ALA C 124 -21.88 -14.53 15.40
CA ALA C 124 -22.43 -15.71 16.07
C ALA C 124 -23.63 -16.30 15.32
N PHE C 125 -24.11 -15.61 14.28
CA PHE C 125 -25.22 -16.05 13.46
C PHE C 125 -24.79 -16.14 11.99
N ALA C 126 -25.07 -17.27 11.35
CA ALA C 126 -24.69 -17.44 9.95
C ALA C 126 -25.58 -16.59 9.04
N ARG C 127 -26.87 -16.44 9.39
CA ARG C 127 -27.81 -15.74 8.54
C ARG C 127 -28.50 -14.62 9.30
N VAL C 128 -28.94 -13.60 8.55
CA VAL C 128 -29.70 -12.48 9.11
C VAL C 128 -30.99 -12.99 9.72
N ASP C 129 -31.62 -14.01 9.10
CA ASP C 129 -32.94 -14.41 9.53
C ASP C 129 -32.88 -15.07 10.91
N GLU C 130 -31.78 -15.74 11.25
CA GLU C 130 -31.58 -16.24 12.61
C GLU C 130 -31.43 -15.11 13.63
N ALA C 131 -30.86 -13.98 13.19
CA ALA C 131 -30.48 -12.87 14.04
C ALA C 131 -31.67 -11.99 14.38
N LEU C 132 -32.67 -11.93 13.48
CA LEU C 132 -33.85 -11.09 13.67
C LEU C 132 -34.54 -11.43 14.98
N GLY C 133 -34.78 -10.41 15.82
CA GLY C 133 -35.44 -10.55 17.11
C GLY C 133 -34.54 -11.07 18.22
N ARG C 134 -33.33 -11.52 17.88
CA ARG C 134 -32.40 -12.02 18.89
C ARG C 134 -31.58 -10.84 19.41
N PRO C 135 -31.30 -10.79 20.74
CA PRO C 135 -30.52 -9.69 21.35
C PRO C 135 -29.07 -9.59 20.84
N GLY C 136 -28.78 -8.48 20.18
CA GLY C 136 -27.45 -8.18 19.70
C GLY C 136 -27.20 -8.86 18.36
N GLY C 137 -28.27 -9.38 17.74
CA GLY C 137 -28.11 -10.19 16.55
C GLY C 137 -27.72 -9.32 15.36
N LEU C 138 -28.44 -8.20 15.28
CA LEU C 138 -28.12 -7.09 14.39
C LEU C 138 -27.62 -5.90 15.20
N ALA C 139 -26.72 -5.15 14.55
CA ALA C 139 -26.11 -3.93 15.04
C ALA C 139 -26.06 -2.92 13.90
N VAL C 140 -26.53 -1.70 14.20
CA VAL C 140 -26.53 -0.61 13.24
C VAL C 140 -25.63 0.49 13.79
N LEU C 141 -24.74 0.99 12.93
CA LEU C 141 -23.98 2.21 13.16
C LEU C 141 -24.70 3.36 12.50
N ALA C 142 -25.05 4.38 13.29
CA ALA C 142 -25.80 5.51 12.78
C ALA C 142 -24.98 6.79 12.91
N ALA C 143 -24.98 7.63 11.88
CA ALA C 143 -24.36 8.96 11.97
C ALA C 143 -25.29 10.02 11.36
N PHE C 144 -25.33 11.21 11.97
CA PHE C 144 -26.08 12.31 11.38
C PHE C 144 -25.27 12.97 10.29
N LEU C 145 -25.94 13.39 9.21
CA LEU C 145 -25.36 14.25 8.20
C LEU C 145 -25.99 15.63 8.36
N GLU C 146 -25.13 16.67 8.48
CA GLU C 146 -25.53 18.07 8.49
C GLU C 146 -24.96 18.80 7.28
N GLU C 147 -25.42 20.04 7.07
CA GLU C 147 -24.86 20.90 6.04
C GLU C 147 -23.54 21.49 6.52
N GLY C 148 -22.55 21.48 5.62
CA GLY C 148 -21.32 22.22 5.84
C GLY C 148 -20.86 22.91 4.56
N PRO C 149 -19.78 23.71 4.61
CA PRO C 149 -19.34 24.49 3.44
C PRO C 149 -18.80 23.68 2.25
N GLU C 150 -18.13 22.55 2.52
CA GLU C 150 -17.42 21.78 1.50
C GLU C 150 -18.31 20.67 0.91
N GLU C 151 -18.10 20.39 -0.38
CA GLU C 151 -18.46 19.12 -0.98
C GLU C 151 -17.78 17.97 -0.19
N ASN C 152 -18.57 16.96 0.20
CA ASN C 152 -18.06 15.72 0.77
C ASN C 152 -17.82 14.73 -0.36
N SER C 153 -16.56 14.33 -0.49
CA SER C 153 -16.13 13.52 -1.61
C SER C 153 -16.43 12.03 -1.37
N ALA C 154 -16.55 11.60 -0.11
CA ALA C 154 -16.97 10.22 0.15
C ALA C 154 -18.41 10.03 -0.31
N TYR C 155 -19.27 10.96 0.10
CA TYR C 155 -20.67 10.90 -0.25
C TYR C 155 -20.90 11.15 -1.73
N GLU C 156 -20.04 11.98 -2.35
CA GLU C 156 -20.23 12.31 -3.76
C GLU C 156 -20.23 11.03 -4.61
N GLN C 157 -19.45 10.02 -4.21
CA GLN C 157 -19.43 8.77 -4.97
C GLN C 157 -20.79 8.09 -5.05
N LEU C 158 -21.65 8.28 -4.03
CA LEU C 158 -23.00 7.72 -4.04
C LEU C 158 -24.00 8.72 -4.65
N LEU C 159 -23.95 9.98 -4.20
CA LEU C 159 -24.91 10.99 -4.59
C LEU C 159 -24.91 11.23 -6.10
N SER C 160 -23.72 11.10 -6.72
CA SER C 160 -23.53 11.34 -8.14
C SER C 160 -24.06 10.17 -8.97
N ARG C 161 -24.54 9.11 -8.31
CA ARG C 161 -25.04 7.95 -9.01
C ARG C 161 -26.55 7.81 -8.83
N LEU C 162 -27.16 8.68 -8.00
CA LEU C 162 -28.58 8.60 -7.69
C LEU C 162 -29.44 8.81 -8.94
N GLU C 163 -28.99 9.66 -9.88
CA GLU C 163 -29.81 10.02 -11.05
C GLU C 163 -30.03 8.77 -11.92
N GLU C 164 -29.07 7.85 -11.93
CA GLU C 164 -29.15 6.65 -12.75
C GLU C 164 -30.14 5.63 -12.19
N ILE C 165 -30.61 5.86 -10.95
CA ILE C 165 -31.52 4.95 -10.27
C ILE C 165 -32.70 5.73 -9.70
N ALA C 166 -33.09 6.83 -10.37
CA ALA C 166 -34.16 7.70 -9.90
C ALA C 166 -35.48 6.91 -9.81
N GLU C 167 -35.62 5.95 -10.72
CA GLU C 167 -36.84 5.17 -10.86
C GLU C 167 -36.88 4.11 -9.76
N GLU C 168 -37.96 4.13 -8.97
CA GLU C 168 -38.17 3.14 -7.92
C GLU C 168 -37.88 1.74 -8.45
N GLY C 169 -37.14 0.93 -7.65
CA GLY C 169 -36.82 -0.44 -7.99
C GLY C 169 -35.64 -0.58 -8.94
N SER C 170 -35.03 0.54 -9.37
CA SER C 170 -33.87 0.48 -10.25
C SER C 170 -32.58 0.47 -9.44
N GLU C 171 -31.52 -0.10 -10.04
CA GLU C 171 -30.26 -0.32 -9.36
C GLU C 171 -29.13 -0.09 -10.36
N THR C 172 -27.92 0.16 -9.82
CA THR C 172 -26.72 0.33 -10.62
C THR C 172 -25.55 -0.30 -9.88
N GLN C 173 -24.47 -0.62 -10.59
CA GLN C 173 -23.21 -1.03 -9.99
C GLN C 173 -22.33 0.22 -9.80
N VAL C 174 -21.68 0.37 -8.63
CA VAL C 174 -20.76 1.49 -8.38
C VAL C 174 -19.38 0.94 -8.03
N PRO C 175 -18.30 1.70 -8.29
CA PRO C 175 -16.96 1.25 -7.93
C PRO C 175 -16.87 1.12 -6.41
N GLY C 176 -16.07 0.16 -5.95
CA GLY C 176 -15.75 0.05 -4.54
C GLY C 176 -15.23 1.38 -3.99
N LEU C 177 -15.62 1.69 -2.74
CA LEU C 177 -15.18 2.89 -2.07
C LEU C 177 -14.82 2.56 -0.63
N ASP C 178 -14.22 3.56 0.03
CA ASP C 178 -13.87 3.45 1.42
C ASP C 178 -15.11 3.80 2.24
N ILE C 179 -15.70 2.76 2.81
CA ILE C 179 -16.96 2.88 3.54
C ILE C 179 -16.72 3.65 4.84
N SER C 180 -15.54 3.46 5.46
CA SER C 180 -15.24 4.12 6.72
C SER C 180 -15.19 5.65 6.55
N ALA C 181 -14.87 6.14 5.35
CA ALA C 181 -14.83 7.56 5.05
C ALA C 181 -16.20 8.23 5.11
N LEU C 182 -17.28 7.43 5.12
CA LEU C 182 -18.62 7.98 5.21
C LEU C 182 -18.98 8.28 6.66
N LEU C 183 -18.10 7.94 7.62
CA LEU C 183 -18.42 7.99 9.04
C LEU C 183 -17.64 9.09 9.74
N PRO C 184 -18.12 9.54 10.93
CA PRO C 184 -17.46 10.59 11.71
C PRO C 184 -16.04 10.25 12.15
N SER C 185 -15.42 11.26 12.76
CA SER C 185 -13.99 11.29 12.99
C SER C 185 -13.61 10.41 14.16
N ASP C 186 -14.32 10.58 15.27
CA ASP C 186 -13.98 9.94 16.53
C ASP C 186 -14.86 8.72 16.81
N PHE C 187 -14.26 7.52 16.67
CA PHE C 187 -14.89 6.22 16.90
C PHE C 187 -14.98 5.89 18.40
N SER C 188 -14.49 6.77 19.29
CA SER C 188 -14.50 6.54 20.74
C SER C 188 -15.72 7.18 21.40
N ARG C 189 -16.48 7.98 20.64
CA ARG C 189 -17.54 8.85 21.17
C ARG C 189 -18.88 8.52 20.49
N TYR C 190 -19.78 7.90 21.26
CA TYR C 190 -21.03 7.42 20.69
C TYR C 190 -22.06 7.18 21.80
N PHE C 191 -23.33 7.19 21.38
CA PHE C 191 -24.44 6.68 22.17
C PHE C 191 -24.76 5.23 21.77
N GLN C 192 -25.29 4.45 22.73
CA GLN C 192 -25.66 3.07 22.48
C GLN C 192 -26.92 2.69 23.28
N TYR C 193 -27.86 2.03 22.61
CA TYR C 193 -29.05 1.49 23.25
C TYR C 193 -29.53 0.32 22.39
N GLU C 194 -30.52 -0.43 22.91
CA GLU C 194 -31.10 -1.56 22.21
C GLU C 194 -32.50 -1.19 21.77
N GLY C 195 -32.75 -1.37 20.47
CA GLY C 195 -34.04 -1.05 19.90
C GLY C 195 -34.41 -2.02 18.79
N SER C 196 -34.85 -1.47 17.65
CA SER C 196 -35.53 -2.21 16.62
C SER C 196 -35.07 -1.73 15.25
N LEU C 197 -35.43 -2.47 14.21
CA LEU C 197 -35.53 -1.94 12.87
C LEU C 197 -36.56 -0.80 12.86
N THR C 198 -36.31 0.18 11.98
CA THR C 198 -37.08 1.40 11.96
C THR C 198 -38.10 1.33 10.83
N THR C 199 -38.14 0.20 10.13
CA THR C 199 -39.22 -0.09 9.20
C THR C 199 -39.76 -1.49 9.52
N PRO C 200 -41.00 -1.84 9.08
CA PRO C 200 -41.47 -3.21 9.17
C PRO C 200 -40.35 -4.09 8.64
N PRO C 201 -40.04 -5.27 9.27
CA PRO C 201 -40.81 -5.81 10.40
C PRO C 201 -40.58 -5.36 11.84
N CYS C 202 -39.78 -4.32 12.06
CA CYS C 202 -39.64 -3.67 13.36
C CYS C 202 -39.19 -4.66 14.43
N ALA C 203 -38.34 -5.60 13.99
CA ALA C 203 -37.70 -6.60 14.85
C ALA C 203 -36.88 -5.87 15.91
N GLN C 204 -36.99 -6.32 17.17
CA GLN C 204 -36.23 -5.83 18.30
C GLN C 204 -34.95 -6.68 18.49
N GLY C 205 -34.18 -6.31 19.52
CA GLY C 205 -32.84 -6.84 19.75
C GLY C 205 -31.72 -6.15 18.93
N VAL C 206 -32.01 -5.01 18.27
CA VAL C 206 -31.00 -4.36 17.45
C VAL C 206 -30.15 -3.44 18.33
N ILE C 207 -28.82 -3.61 18.34
CA ILE C 207 -27.97 -2.66 19.04
C ILE C 207 -27.71 -1.47 18.13
N TRP C 208 -28.17 -0.29 18.59
CA TRP C 208 -27.95 0.98 17.92
C TRP C 208 -26.77 1.71 18.56
N THR C 209 -25.82 2.10 17.71
CA THR C 209 -24.68 2.91 18.11
C THR C 209 -24.76 4.20 17.28
N VAL C 210 -25.04 5.33 17.95
CA VAL C 210 -25.16 6.62 17.27
C VAL C 210 -23.93 7.45 17.61
N PHE C 211 -23.19 7.84 16.57
CA PHE C 211 -21.99 8.64 16.77
C PHE C 211 -22.38 9.99 17.38
N GLN C 212 -21.58 10.47 18.35
CA GLN C 212 -21.75 11.81 18.86
C GLN C 212 -21.48 12.83 17.75
N GLN C 213 -20.38 12.67 17.01
CA GLN C 213 -20.03 13.62 15.98
C GLN C 213 -20.75 13.32 14.67
N THR C 214 -20.99 14.38 13.91
CA THR C 214 -21.67 14.27 12.64
C THR C 214 -20.70 14.26 11.48
N VAL C 215 -21.25 14.10 10.28
CA VAL C 215 -20.56 14.26 9.01
C VAL C 215 -21.21 15.44 8.30
N MET C 216 -20.45 16.17 7.49
CA MET C 216 -20.94 17.37 6.81
C MET C 216 -20.98 17.15 5.29
N LEU C 217 -22.12 17.54 4.69
CA LEU C 217 -22.33 17.56 3.24
C LEU C 217 -22.71 18.98 2.81
N SER C 218 -22.46 19.31 1.53
CA SER C 218 -22.83 20.63 1.05
C SER C 218 -24.36 20.69 0.95
N ALA C 219 -24.89 21.91 0.80
CA ALA C 219 -26.32 22.09 0.61
C ALA C 219 -26.77 21.43 -0.70
N LYS C 220 -25.93 21.52 -1.74
CA LYS C 220 -26.19 20.92 -3.05
C LYS C 220 -26.22 19.40 -2.97
N GLN C 221 -25.46 18.81 -2.02
CA GLN C 221 -25.41 17.36 -1.88
C GLN C 221 -26.65 16.86 -1.14
N LEU C 222 -27.03 17.54 -0.05
CA LEU C 222 -28.26 17.22 0.64
C LEU C 222 -29.45 17.36 -0.32
N HIS C 223 -29.56 18.50 -1.01
CA HIS C 223 -30.54 18.67 -2.07
C HIS C 223 -30.55 17.47 -3.04
N THR C 224 -29.38 17.08 -3.58
CA THR C 224 -29.31 15.98 -4.53
C THR C 224 -29.91 14.69 -3.95
N LEU C 225 -29.72 14.48 -2.64
CA LEU C 225 -30.14 13.27 -1.93
C LEU C 225 -31.67 13.26 -1.78
N SER C 226 -32.23 14.41 -1.40
CA SER C 226 -33.65 14.53 -1.09
C SER C 226 -34.49 14.68 -2.36
N ASP C 227 -33.87 15.16 -3.45
CA ASP C 227 -34.62 15.71 -4.56
C ASP C 227 -34.47 14.82 -5.80
N THR C 228 -33.66 13.76 -5.75
CA THR C 228 -33.35 13.00 -6.94
C THR C 228 -34.21 11.73 -7.10
N LEU C 229 -34.61 11.10 -5.99
CA LEU C 229 -35.12 9.74 -6.06
C LEU C 229 -36.65 9.76 -6.06
N TRP C 230 -37.22 8.74 -6.72
CA TRP C 230 -38.66 8.56 -6.77
C TRP C 230 -39.05 7.28 -6.03
N GLY C 231 -40.19 7.35 -5.33
CA GLY C 231 -40.66 6.31 -4.44
C GLY C 231 -41.89 5.57 -4.98
N PRO C 232 -42.77 5.07 -4.07
CA PRO C 232 -43.90 4.23 -4.48
C PRO C 232 -44.96 5.05 -5.22
N GLY C 233 -45.72 4.38 -6.10
CA GLY C 233 -46.69 5.06 -6.94
C GLY C 233 -45.99 6.02 -7.89
N ASP C 234 -46.51 7.26 -7.97
CA ASP C 234 -45.88 8.31 -8.74
C ASP C 234 -45.44 9.43 -7.78
N SER C 235 -44.63 9.05 -6.78
CA SER C 235 -44.34 9.88 -5.61
C SER C 235 -42.82 10.12 -5.45
N ARG C 236 -42.44 11.20 -4.74
CA ARG C 236 -41.04 11.52 -4.53
C ARG C 236 -40.54 10.80 -3.27
N LEU C 237 -39.41 10.10 -3.39
CA LEU C 237 -38.83 9.41 -2.25
C LEU C 237 -38.08 10.43 -1.39
N GLN C 238 -38.80 10.81 -0.32
CA GLN C 238 -38.45 11.87 0.60
C GLN C 238 -39.05 11.53 1.97
N LEU C 239 -38.60 12.26 2.99
CA LEU C 239 -39.12 12.15 4.34
C LEU C 239 -39.25 10.67 4.74
N ASN C 240 -38.22 9.87 4.40
CA ASN C 240 -38.24 8.43 4.65
C ASN C 240 -37.72 8.13 6.06
N PHE C 241 -38.28 8.80 7.09
CA PHE C 241 -37.91 8.54 8.47
C PHE C 241 -39.14 8.16 9.29
N ARG C 242 -38.87 7.54 10.46
CA ARG C 242 -39.90 7.11 11.38
C ARG C 242 -39.88 8.09 12.56
N ALA C 243 -41.08 8.43 13.06
CA ALA C 243 -41.21 9.19 14.28
C ALA C 243 -40.38 8.51 15.36
N THR C 244 -39.92 9.30 16.34
CA THR C 244 -39.20 8.74 17.46
C THR C 244 -40.19 8.07 18.40
N GLN C 245 -39.63 7.14 19.19
CA GLN C 245 -40.36 6.13 19.92
C GLN C 245 -39.98 6.26 21.39
N PRO C 246 -40.89 5.94 22.33
CA PRO C 246 -40.55 6.06 23.75
C PRO C 246 -39.53 5.00 24.18
N LEU C 247 -38.73 5.37 25.19
CA LEU C 247 -37.66 4.55 25.69
C LEU C 247 -38.21 3.44 26.56
N ASN C 248 -39.32 3.74 27.26
CA ASN C 248 -40.02 2.77 28.07
C ASN C 248 -39.04 2.11 29.03
N GLY C 249 -38.27 2.94 29.74
CA GLY C 249 -37.36 2.52 30.78
C GLY C 249 -35.91 2.34 30.31
N ARG C 250 -35.70 2.28 28.99
CA ARG C 250 -34.36 2.12 28.43
C ARG C 250 -33.51 3.35 28.79
N VAL C 251 -32.30 3.10 29.34
CA VAL C 251 -31.29 4.12 29.53
C VAL C 251 -30.31 4.09 28.34
N ILE C 252 -30.28 5.19 27.58
CA ILE C 252 -29.26 5.41 26.55
C ILE C 252 -27.90 5.60 27.21
N GLU C 253 -26.91 4.82 26.77
CA GLU C 253 -25.57 4.86 27.35
C GLU C 253 -24.69 5.77 26.48
N ALA C 254 -23.67 6.40 27.08
CA ALA C 254 -22.70 7.22 26.35
C ALA C 254 -21.31 6.72 26.69
N SER C 255 -20.44 6.66 25.66
CA SER C 255 -19.04 6.24 25.79
C SER C 255 -18.14 7.34 26.36
N PHE C 256 -18.71 8.53 26.63
CA PHE C 256 -17.94 9.70 27.01
C PHE C 256 -18.65 10.46 28.14
N PRO C 257 -17.91 11.16 29.04
CA PRO C 257 -18.52 11.99 30.08
C PRO C 257 -19.18 13.30 29.56
N TRP D 7 -9.16 17.10 -13.66
CA TRP D 7 -9.21 17.65 -12.28
C TRP D 7 -8.69 19.09 -12.25
N ARG D 8 -9.46 19.98 -11.59
CA ARG D 8 -9.05 21.36 -11.32
C ARG D 8 -9.35 21.66 -9.85
N TYR D 9 -8.79 22.78 -9.33
CA TYR D 9 -9.03 23.24 -7.97
C TYR D 9 -10.34 24.04 -7.90
N GLY D 10 -11.03 23.92 -6.74
CA GLY D 10 -12.27 24.64 -6.48
C GLY D 10 -13.22 24.68 -7.68
N GLY D 11 -13.47 23.51 -8.29
CA GLY D 11 -14.21 23.42 -9.53
C GLY D 11 -14.66 21.99 -9.82
N ASP D 12 -14.21 21.44 -10.96
CA ASP D 12 -14.69 20.15 -11.48
C ASP D 12 -13.58 19.45 -12.27
N PRO D 13 -13.72 18.16 -12.63
CA PRO D 13 -14.78 17.29 -12.10
C PRO D 13 -14.56 16.91 -10.63
N PRO D 14 -15.56 16.30 -9.92
CA PRO D 14 -15.35 15.80 -8.56
C PRO D 14 -14.18 14.81 -8.49
N TRP D 15 -13.36 14.93 -7.42
CA TRP D 15 -12.09 14.22 -7.33
C TRP D 15 -12.28 12.71 -7.18
N PRO D 16 -13.32 12.21 -6.44
CA PRO D 16 -13.70 10.79 -6.48
C PRO D 16 -14.05 10.18 -7.85
N ARG D 17 -14.61 10.99 -8.78
CA ARG D 17 -14.93 10.55 -10.13
C ARG D 17 -13.66 10.39 -10.97
N VAL D 18 -12.62 11.17 -10.63
CA VAL D 18 -11.29 11.05 -11.22
C VAL D 18 -10.58 9.83 -10.61
N SER D 19 -10.48 9.80 -9.27
CA SER D 19 -9.88 8.68 -8.55
C SER D 19 -10.61 8.39 -7.24
N PRO D 20 -11.06 7.12 -7.01
CA PRO D 20 -11.83 6.79 -5.80
C PRO D 20 -11.06 7.10 -4.51
N ALA D 21 -9.73 6.95 -4.59
CA ALA D 21 -8.82 7.17 -3.47
C ALA D 21 -8.93 8.61 -2.93
N CYS D 22 -9.45 9.57 -3.72
CA CYS D 22 -9.63 10.93 -3.22
C CYS D 22 -10.82 11.01 -2.26
N ALA D 23 -11.44 9.86 -1.96
CA ALA D 23 -12.50 9.81 -0.97
C ALA D 23 -12.14 8.85 0.15
N GLY D 24 -10.83 8.58 0.29
CA GLY D 24 -10.37 7.80 1.41
C GLY D 24 -10.60 8.54 2.72
N ARG D 25 -10.46 7.80 3.82
CA ARG D 25 -10.66 8.34 5.16
C ARG D 25 -9.40 9.09 5.64
N PHE D 26 -8.24 8.77 5.05
CA PHE D 26 -6.94 9.16 5.59
C PHE D 26 -6.19 9.99 4.54
N GLN D 27 -6.71 11.20 4.28
CA GLN D 27 -6.27 12.09 3.23
C GLN D 27 -5.38 13.21 3.79
N SER D 28 -4.70 13.88 2.86
CA SER D 28 -3.89 15.05 3.14
C SER D 28 -4.40 16.18 2.27
N PRO D 29 -4.15 17.47 2.61
CA PRO D 29 -3.43 17.88 3.80
C PRO D 29 -4.31 17.95 5.03
N VAL D 30 -3.70 18.29 6.16
CA VAL D 30 -4.40 18.31 7.43
C VAL D 30 -4.00 19.59 8.18
N ASP D 31 -4.81 19.87 9.21
CA ASP D 31 -4.56 20.93 10.19
C ASP D 31 -3.80 20.31 11.33
N ILE D 32 -2.60 20.83 11.58
CA ILE D 32 -1.74 20.37 12.65
C ILE D 32 -2.05 21.16 13.92
N ARG D 33 -2.42 20.42 14.96
CA ARG D 33 -2.74 20.99 16.26
C ARG D 33 -1.64 20.48 17.18
N PRO D 34 -0.56 21.25 17.40
CA PRO D 34 0.64 20.74 18.06
C PRO D 34 0.38 20.14 19.44
N GLN D 35 -0.65 20.64 20.14
CA GLN D 35 -0.98 20.17 21.46
C GLN D 35 -1.58 18.77 21.39
N LEU D 36 -2.23 18.40 20.27
CA LEU D 36 -2.75 17.06 20.11
C LEU D 36 -1.70 16.15 19.45
N ALA D 37 -0.50 16.66 19.14
CA ALA D 37 0.52 15.80 18.53
C ALA D 37 1.13 14.94 19.62
N ALA D 38 1.56 13.74 19.24
CA ALA D 38 2.20 12.80 20.16
C ALA D 38 3.73 12.95 20.07
N PHE D 39 4.39 13.30 21.18
CA PHE D 39 5.85 13.29 21.22
C PHE D 39 6.33 11.86 21.06
N SER D 40 7.13 11.60 20.03
CA SER D 40 7.77 10.30 19.86
CA SER D 40 7.74 10.32 19.76
C SER D 40 9.25 10.48 19.68
N PRO D 41 10.07 10.15 20.70
CA PRO D 41 11.52 10.32 20.56
C PRO D 41 12.24 9.34 19.64
N ALA D 42 11.51 8.42 19.01
CA ALA D 42 12.12 7.58 17.97
C ALA D 42 12.31 8.37 16.67
N LEU D 43 11.67 9.55 16.56
CA LEU D 43 11.83 10.41 15.39
C LEU D 43 13.14 11.20 15.49
N ARG D 44 14.14 10.73 14.74
CA ARG D 44 15.46 11.37 14.73
C ARG D 44 15.54 12.41 13.62
N PRO D 45 16.64 13.20 13.60
CA PRO D 45 16.88 14.15 12.51
C PRO D 45 16.85 13.45 11.15
N LEU D 46 16.20 14.10 10.18
CA LEU D 46 16.22 13.60 8.81
C LEU D 46 17.63 13.67 8.24
N GLU D 47 17.96 12.75 7.33
CA GLU D 47 19.26 12.72 6.70
C GLU D 47 19.05 12.77 5.20
N LEU D 48 19.75 13.68 4.55
CA LEU D 48 19.71 13.94 3.12
C LEU D 48 21.11 13.74 2.57
N LEU D 49 21.29 12.92 1.54
CA LEU D 49 22.59 12.78 0.91
C LEU D 49 22.40 13.03 -0.58
N GLY D 50 23.37 13.74 -1.18
CA GLY D 50 23.35 14.00 -2.61
C GLY D 50 22.51 15.22 -3.00
N PHE D 51 21.99 16.00 -2.04
CA PHE D 51 21.10 17.10 -2.44
C PHE D 51 21.86 18.30 -3.00
N GLN D 52 23.18 18.35 -2.79
CA GLN D 52 24.00 19.46 -3.24
C GLN D 52 24.49 19.13 -4.66
N LEU D 53 23.78 19.67 -5.64
CA LEU D 53 23.96 19.26 -7.02
C LEU D 53 24.99 20.13 -7.70
N PRO D 54 25.76 19.57 -8.66
CA PRO D 54 26.56 20.39 -9.56
C PRO D 54 25.59 21.08 -10.50
N PRO D 55 26.05 22.13 -11.21
CA PRO D 55 25.18 22.91 -12.08
C PRO D 55 24.77 22.17 -13.35
N LEU D 56 25.62 21.22 -13.82
CA LEU D 56 25.29 20.33 -14.92
C LEU D 56 25.32 18.89 -14.45
N PRO D 57 24.39 18.00 -14.88
CA PRO D 57 23.30 18.37 -15.79
C PRO D 57 22.20 19.28 -15.22
N GLU D 58 21.60 20.10 -16.10
CA GLU D 58 20.46 20.91 -15.75
C GLU D 58 19.25 20.05 -15.38
N LEU D 59 18.32 20.68 -14.67
CA LEU D 59 17.08 20.10 -14.18
C LEU D 59 15.92 20.70 -14.98
N ARG D 60 14.82 19.98 -15.09
CA ARG D 60 13.65 20.54 -15.75
C ARG D 60 12.68 21.13 -14.73
N LEU D 61 12.29 22.37 -15.02
CA LEU D 61 11.31 23.11 -14.26
C LEU D 61 10.08 23.34 -15.13
N ARG D 62 8.92 22.95 -14.61
CA ARG D 62 7.70 22.84 -15.40
C ARG D 62 6.52 23.47 -14.67
N ASN D 63 5.82 24.36 -15.39
CA ASN D 63 4.46 24.78 -15.08
C ASN D 63 3.49 23.72 -15.61
N ASN D 64 3.02 22.83 -14.72
CA ASN D 64 2.12 21.76 -15.14
C ASN D 64 0.65 22.19 -15.02
N GLY D 65 0.41 23.48 -14.75
CA GLY D 65 -0.92 24.04 -14.75
C GLY D 65 -1.57 24.01 -13.37
N HIS D 66 -1.01 23.20 -12.45
CA HIS D 66 -1.49 23.04 -11.08
C HIS D 66 -0.43 23.49 -10.08
N SER D 67 0.86 23.39 -10.49
CA SER D 67 1.98 23.84 -9.68
C SER D 67 3.17 24.16 -10.58
N VAL D 68 4.26 24.65 -9.97
CA VAL D 68 5.57 24.59 -10.60
C VAL D 68 6.35 23.43 -9.97
N GLN D 69 6.93 22.59 -10.83
CA GLN D 69 7.53 21.34 -10.41
C GLN D 69 8.96 21.26 -10.96
N LEU D 70 9.92 20.94 -10.08
CA LEU D 70 11.30 20.68 -10.46
C LEU D 70 11.55 19.19 -10.36
N THR D 71 11.95 18.61 -11.49
CA THR D 71 12.27 17.19 -11.58
C THR D 71 13.68 16.98 -11.06
N LEU D 72 13.82 16.05 -10.10
CA LEU D 72 15.10 15.90 -9.45
C LEU D 72 15.82 14.73 -10.11
N PRO D 73 17.16 14.75 -10.17
CA PRO D 73 17.92 13.68 -10.79
C PRO D 73 18.11 12.50 -9.85
N PRO D 74 18.66 11.37 -10.36
CA PRO D 74 19.03 10.25 -9.49
C PRO D 74 20.13 10.63 -8.50
N GLY D 75 20.13 9.95 -7.34
CA GLY D 75 21.18 10.06 -6.35
C GLY D 75 20.86 10.97 -5.15
N LEU D 76 19.63 11.48 -5.06
CA LEU D 76 19.23 12.23 -3.89
C LEU D 76 18.59 11.23 -2.92
N GLU D 77 19.31 10.96 -1.82
CA GLU D 77 18.89 9.96 -0.85
C GLU D 77 18.39 10.65 0.40
N MET D 78 17.23 10.21 0.89
CA MET D 78 16.64 10.72 2.10
C MET D 78 16.30 9.55 3.02
N ALA D 79 16.58 9.70 4.33
CA ALA D 79 16.23 8.71 5.32
C ALA D 79 15.40 9.35 6.42
N LEU D 80 14.24 8.74 6.72
CA LEU D 80 13.36 9.16 7.80
C LEU D 80 13.85 8.63 9.15
N GLY D 81 14.76 7.69 9.04
CA GLY D 81 15.40 7.04 10.16
C GLY D 81 16.18 5.86 9.62
N PRO D 82 16.92 5.16 10.51
CA PRO D 82 17.65 3.94 10.13
C PRO D 82 16.75 2.88 9.49
N GLY D 83 17.08 2.46 8.26
CA GLY D 83 16.29 1.48 7.56
C GLY D 83 15.12 2.07 6.78
N ARG D 84 14.87 3.39 6.92
CA ARG D 84 13.74 4.06 6.27
C ARG D 84 14.25 4.98 5.13
N GLU D 85 14.61 4.38 4.00
CA GLU D 85 15.38 5.04 2.96
C GLU D 85 14.55 5.25 1.71
N TYR D 86 14.72 6.47 1.15
CA TYR D 86 13.94 7.03 0.03
C TYR D 86 14.88 7.69 -0.99
N ARG D 87 14.37 7.86 -2.22
CA ARG D 87 15.05 8.61 -3.27
C ARG D 87 14.12 9.74 -3.73
N ALA D 88 14.66 10.95 -3.88
CA ALA D 88 13.86 12.12 -4.23
C ALA D 88 13.54 12.04 -5.73
N LEU D 89 12.28 12.38 -6.10
CA LEU D 89 11.78 12.39 -7.48
C LEU D 89 11.64 13.83 -8.00
N GLN D 90 11.03 14.70 -7.21
CA GLN D 90 10.61 16.01 -7.67
C GLN D 90 10.27 16.86 -6.46
N LEU D 91 10.25 18.17 -6.68
CA LEU D 91 9.63 19.06 -5.72
C LEU D 91 8.73 20.05 -6.45
N HIS D 92 7.80 20.60 -5.71
CA HIS D 92 6.91 21.60 -6.26
C HIS D 92 6.37 22.43 -5.11
N LEU D 93 5.59 23.45 -5.51
CA LEU D 93 5.17 24.53 -4.63
C LEU D 93 3.66 24.67 -4.66
N HIS D 94 3.09 25.03 -3.50
CA HIS D 94 1.71 25.47 -3.36
C HIS D 94 1.72 26.90 -2.81
N TRP D 95 0.79 27.75 -3.27
CA TRP D 95 0.79 29.16 -2.96
C TRP D 95 -0.60 29.73 -3.17
N GLY D 96 -0.77 31.01 -2.80
CA GLY D 96 -2.07 31.66 -2.73
C GLY D 96 -2.17 32.77 -3.77
N ALA D 97 -2.44 33.97 -3.27
CA ALA D 97 -2.71 35.14 -4.11
C ALA D 97 -2.44 36.39 -3.27
N ALA D 98 -2.47 37.58 -3.88
CA ALA D 98 -2.20 38.82 -3.17
C ALA D 98 -3.05 38.88 -1.90
N GLY D 99 -2.38 38.96 -0.73
CA GLY D 99 -3.05 38.96 0.57
C GLY D 99 -3.95 37.73 0.82
N ARG D 100 -3.61 36.57 0.25
CA ARG D 100 -4.31 35.34 0.59
C ARG D 100 -3.27 34.21 0.67
N PRO D 101 -3.06 33.62 1.86
CA PRO D 101 -2.11 32.51 1.99
C PRO D 101 -2.57 31.28 1.21
N GLY D 102 -1.62 30.42 0.81
CA GLY D 102 -1.92 29.25 0.00
C GLY D 102 -1.09 27.99 0.36
N SER D 103 -0.63 27.86 1.62
CA SER D 103 -0.10 26.59 2.08
C SER D 103 -1.21 25.54 2.10
N GLU D 104 -0.81 24.27 2.05
CA GLU D 104 -1.78 23.17 2.07
C GLU D 104 -2.06 22.76 3.50
N HIS D 105 -0.98 22.47 4.25
CA HIS D 105 -1.10 22.24 5.68
C HIS D 105 -1.37 23.56 6.38
N THR D 106 -2.02 23.43 7.54
CA THR D 106 -2.26 24.55 8.42
C THR D 106 -1.78 24.14 9.81
N VAL D 107 -1.56 25.14 10.65
CA VAL D 107 -1.22 24.92 12.04
C VAL D 107 -2.17 25.74 12.89
N GLU D 108 -3.02 25.05 13.68
CA GLU D 108 -4.00 25.68 14.53
C GLU D 108 -4.81 26.63 13.67
N GLY D 109 -5.10 26.19 12.46
CA GLY D 109 -5.97 26.95 11.58
C GLY D 109 -5.19 28.00 10.78
N HIS D 110 -3.92 28.27 11.10
CA HIS D 110 -3.16 29.30 10.40
C HIS D 110 -2.68 28.74 9.07
N ARG D 111 -2.95 29.46 7.96
CA ARG D 111 -2.45 29.08 6.65
C ARG D 111 -1.28 29.97 6.29
N PHE D 112 -0.19 29.37 5.83
CA PHE D 112 1.03 30.12 5.57
C PHE D 112 1.02 30.56 4.12
N PRO D 113 1.87 31.53 3.76
CA PRO D 113 1.85 32.06 2.40
C PRO D 113 1.99 30.97 1.33
N ALA D 114 2.89 30.00 1.56
CA ALA D 114 3.14 28.99 0.54
C ALA D 114 3.80 27.74 1.18
N GLU D 115 4.01 26.70 0.36
CA GLU D 115 4.46 25.42 0.86
C GLU D 115 5.30 24.74 -0.20
N ILE D 116 6.41 24.10 0.25
CA ILE D 116 7.20 23.26 -0.64
C ILE D 116 6.97 21.80 -0.28
N HIS D 117 6.82 20.98 -1.31
CA HIS D 117 6.75 19.53 -1.19
C HIS D 117 7.92 18.87 -1.92
N VAL D 118 8.64 17.98 -1.23
CA VAL D 118 9.65 17.21 -1.90
C VAL D 118 9.24 15.76 -1.79
N VAL D 119 8.98 15.13 -2.95
CA VAL D 119 8.33 13.83 -3.03
C VAL D 119 9.42 12.79 -3.26
N HIS D 120 9.32 11.67 -2.53
CA HIS D 120 10.33 10.63 -2.55
C HIS D 120 9.64 9.28 -2.73
N LEU D 121 10.42 8.33 -3.28
CA LEU D 121 10.05 6.95 -3.51
C LEU D 121 10.89 6.08 -2.58
N SER D 122 10.24 5.13 -1.90
CA SER D 122 10.94 4.14 -1.11
C SER D 122 11.93 3.42 -1.98
N THR D 123 13.12 3.13 -1.44
CA THR D 123 14.10 2.32 -2.16
C THR D 123 13.65 0.88 -2.41
N ALA D 124 12.56 0.41 -1.79
CA ALA D 124 12.04 -0.93 -2.01
C ALA D 124 11.31 -1.04 -3.35
N PHE D 125 11.00 0.10 -3.96
CA PHE D 125 10.23 0.15 -5.19
C PHE D 125 11.04 0.83 -6.30
N ALA D 126 10.97 0.23 -7.50
CA ALA D 126 11.60 0.79 -8.70
C ALA D 126 10.76 1.92 -9.29
N ARG D 127 9.44 1.90 -9.13
CA ARG D 127 8.60 2.84 -9.85
C ARG D 127 7.52 3.33 -8.91
N VAL D 128 7.08 4.57 -9.13
CA VAL D 128 5.97 5.14 -8.39
C VAL D 128 4.72 4.27 -8.42
N ASP D 129 4.32 3.73 -9.58
CA ASP D 129 3.04 3.03 -9.63
C ASP D 129 3.06 1.82 -8.71
N GLU D 130 4.22 1.19 -8.49
CA GLU D 130 4.27 0.07 -7.54
C GLU D 130 4.10 0.55 -6.09
N ALA D 131 4.49 1.81 -5.80
CA ALA D 131 4.51 2.32 -4.44
C ALA D 131 3.16 2.84 -4.00
N LEU D 132 2.29 3.20 -4.97
CA LEU D 132 1.03 3.88 -4.70
C LEU D 132 0.15 3.01 -3.82
N GLY D 133 -0.34 3.59 -2.72
CA GLY D 133 -1.22 2.89 -1.80
C GLY D 133 -0.50 1.92 -0.88
N ARG D 134 0.80 1.67 -1.11
CA ARG D 134 1.55 0.75 -0.26
C ARG D 134 2.09 1.52 0.95
N PRO D 135 2.09 0.92 2.17
CA PRO D 135 2.48 1.64 3.38
C PRO D 135 3.92 2.14 3.30
N GLY D 136 4.09 3.47 3.40
CA GLY D 136 5.44 4.03 3.38
C GLY D 136 6.13 3.97 2.01
N GLY D 137 5.37 3.70 0.95
CA GLY D 137 5.92 3.61 -0.40
C GLY D 137 6.42 4.95 -0.91
N LEU D 138 5.71 6.01 -0.53
CA LEU D 138 6.06 7.39 -0.84
C LEU D 138 6.15 8.20 0.44
N ALA D 139 7.07 9.17 0.44
CA ALA D 139 7.34 10.07 1.54
C ALA D 139 7.48 11.47 0.98
N VAL D 140 6.82 12.45 1.63
CA VAL D 140 6.91 13.83 1.21
C VAL D 140 7.50 14.62 2.38
N LEU D 141 8.49 15.48 2.07
CA LEU D 141 8.96 16.52 2.99
C LEU D 141 8.25 17.82 2.65
N ALA D 142 7.62 18.43 3.67
CA ALA D 142 6.87 19.66 3.51
C ALA D 142 7.41 20.75 4.42
N ALA D 143 7.55 21.99 3.91
CA ALA D 143 7.99 23.13 4.68
C ALA D 143 7.15 24.32 4.27
N PHE D 144 6.82 25.17 5.24
CA PHE D 144 6.10 26.40 4.93
C PHE D 144 7.07 27.48 4.46
N LEU D 145 6.59 28.31 3.53
CA LEU D 145 7.31 29.50 3.11
C LEU D 145 6.61 30.70 3.72
N GLU D 146 7.41 31.55 4.37
CA GLU D 146 6.96 32.79 4.97
C GLU D 146 7.84 33.94 4.48
N GLU D 147 7.42 35.17 4.76
CA GLU D 147 8.19 36.34 4.38
C GLU D 147 9.32 36.52 5.37
N GLY D 148 10.52 36.78 4.83
CA GLY D 148 11.61 37.32 5.62
C GLY D 148 12.18 38.55 4.96
N PRO D 149 13.19 39.19 5.57
CA PRO D 149 13.78 40.43 5.05
C PRO D 149 14.70 40.33 3.82
N GLU D 150 15.20 39.13 3.54
CA GLU D 150 16.25 38.90 2.56
C GLU D 150 15.70 38.09 1.39
N GLU D 151 16.22 38.37 0.19
CA GLU D 151 16.05 37.54 -0.98
C GLU D 151 16.70 36.19 -0.72
N ASN D 152 15.90 35.13 -0.86
CA ASN D 152 16.38 33.77 -0.68
C ASN D 152 17.05 33.35 -2.00
N SER D 153 18.37 33.16 -1.99
CA SER D 153 19.12 32.99 -3.23
C SER D 153 18.88 31.62 -3.89
N ALA D 154 18.67 30.57 -3.07
CA ALA D 154 18.29 29.28 -3.66
C ALA D 154 16.95 29.41 -4.38
N TYR D 155 15.96 30.03 -3.73
CA TYR D 155 14.65 30.16 -4.33
C TYR D 155 14.72 31.06 -5.55
N GLU D 156 15.61 32.06 -5.54
CA GLU D 156 15.71 33.01 -6.63
C GLU D 156 16.06 32.29 -7.93
N GLN D 157 16.82 31.21 -7.85
CA GLN D 157 17.21 30.45 -9.02
C GLN D 157 16.00 29.83 -9.73
N LEU D 158 14.94 29.54 -8.96
CA LEU D 158 13.72 29.03 -9.53
C LEU D 158 12.79 30.18 -9.91
N LEU D 159 12.59 31.12 -8.99
CA LEU D 159 11.57 32.16 -9.16
C LEU D 159 11.94 33.06 -10.33
N SER D 160 13.24 33.21 -10.63
CA SER D 160 13.67 34.11 -11.70
C SER D 160 13.43 33.48 -13.06
N ARG D 161 12.93 32.23 -13.09
CA ARG D 161 12.59 31.54 -14.32
C ARG D 161 11.10 31.38 -14.52
N LEU D 162 10.25 31.84 -13.59
CA LEU D 162 8.83 31.58 -13.73
C LEU D 162 8.25 32.29 -14.96
N GLU D 163 8.78 33.48 -15.29
CA GLU D 163 8.36 34.26 -16.44
C GLU D 163 8.49 33.42 -17.73
N GLU D 164 9.57 32.63 -17.84
CA GLU D 164 9.84 31.76 -18.97
C GLU D 164 8.77 30.68 -19.12
N ILE D 165 8.16 30.26 -17.99
CA ILE D 165 7.17 29.19 -17.97
C ILE D 165 5.82 29.71 -17.48
N ALA D 166 5.50 30.99 -17.71
CA ALA D 166 4.19 31.57 -17.40
C ALA D 166 3.07 30.70 -17.95
N GLU D 167 3.25 30.17 -19.17
CA GLU D 167 2.20 29.46 -19.87
C GLU D 167 1.98 28.08 -19.30
N GLU D 168 0.71 27.71 -19.11
CA GLU D 168 0.38 26.37 -18.66
C GLU D 168 1.05 25.33 -19.57
N GLY D 169 1.65 24.30 -18.97
CA GLY D 169 2.31 23.24 -19.72
C GLY D 169 3.70 23.63 -20.23
N SER D 170 4.22 24.80 -19.88
CA SER D 170 5.54 25.17 -20.37
C SER D 170 6.61 24.65 -19.41
N GLU D 171 7.83 24.55 -19.92
CA GLU D 171 8.97 24.14 -19.13
C GLU D 171 10.27 24.79 -19.64
N THR D 172 11.28 24.70 -18.78
CA THR D 172 12.60 25.30 -18.98
C THR D 172 13.64 24.48 -18.24
N GLN D 173 14.92 24.71 -18.54
CA GLN D 173 16.01 24.00 -17.88
C GLN D 173 16.67 24.99 -16.95
N VAL D 174 17.00 24.53 -15.73
CA VAL D 174 17.71 25.32 -14.73
C VAL D 174 18.95 24.55 -14.28
N PRO D 175 20.07 25.26 -14.01
CA PRO D 175 21.23 24.60 -13.42
C PRO D 175 20.88 23.95 -12.08
N GLY D 176 21.49 22.80 -11.81
CA GLY D 176 21.40 22.20 -10.50
C GLY D 176 21.91 23.17 -9.44
N LEU D 177 21.37 22.98 -8.24
CA LEU D 177 21.65 23.85 -7.11
C LEU D 177 21.60 22.96 -5.88
N ASP D 178 21.85 23.55 -4.72
CA ASP D 178 21.69 22.87 -3.45
C ASP D 178 20.21 22.81 -3.13
N ILE D 179 19.60 21.67 -3.42
CA ILE D 179 18.18 21.47 -3.21
C ILE D 179 17.87 21.63 -1.72
N SER D 180 18.79 21.16 -0.87
CA SER D 180 18.57 21.27 0.58
C SER D 180 18.47 22.73 1.01
N ALA D 181 18.94 23.69 0.20
CA ALA D 181 18.82 25.10 0.59
C ALA D 181 17.43 25.62 0.35
N LEU D 182 16.55 24.81 -0.24
CA LEU D 182 15.14 25.16 -0.40
C LEU D 182 14.34 24.71 0.81
N LEU D 183 15.00 24.00 1.73
CA LEU D 183 14.36 23.49 2.92
C LEU D 183 14.94 24.21 4.16
N PRO D 184 14.23 24.15 5.31
CA PRO D 184 14.73 24.71 6.58
C PRO D 184 16.02 24.04 7.00
N SER D 185 16.84 24.75 7.79
CA SER D 185 18.11 24.16 8.24
C SER D 185 17.90 23.22 9.43
N ASP D 186 16.79 23.41 10.16
CA ASP D 186 16.44 22.51 11.26
C ASP D 186 15.72 21.24 10.77
N PHE D 187 16.46 20.12 10.66
CA PHE D 187 15.93 18.81 10.31
C PHE D 187 15.53 17.94 11.51
N SER D 188 15.55 18.49 12.73
CA SER D 188 15.40 17.70 13.95
C SER D 188 13.99 17.87 14.53
N ARG D 189 13.33 18.99 14.16
CA ARG D 189 12.00 19.35 14.64
C ARG D 189 10.97 19.35 13.51
N TYR D 190 10.04 18.38 13.62
CA TYR D 190 9.06 18.13 12.58
C TYR D 190 7.87 17.36 13.13
N PHE D 191 6.79 17.42 12.35
CA PHE D 191 5.61 16.62 12.58
C PHE D 191 5.60 15.52 11.52
N GLN D 192 5.09 14.36 11.90
CA GLN D 192 4.96 13.27 10.95
C GLN D 192 3.60 12.61 11.12
N TYR D 193 2.95 12.36 9.98
CA TYR D 193 1.71 11.60 10.00
C TYR D 193 1.63 10.77 8.72
N GLU D 194 0.64 9.86 8.70
CA GLU D 194 0.33 9.10 7.50
C GLU D 194 -0.92 9.62 6.81
N GLY D 195 -0.78 9.83 5.50
CA GLY D 195 -1.76 10.55 4.71
C GLY D 195 -1.76 10.09 3.26
N SER D 196 -2.05 11.02 2.36
CA SER D 196 -2.33 10.72 0.96
C SER D 196 -1.63 11.73 0.05
N LEU D 197 -1.51 11.39 -1.24
CA LEU D 197 -1.31 12.39 -2.27
C LEU D 197 -2.52 13.31 -2.27
N THR D 198 -2.27 14.56 -2.66
CA THR D 198 -3.22 15.65 -2.49
C THR D 198 -3.84 16.01 -3.84
N THR D 199 -3.56 15.20 -4.86
CA THR D 199 -4.13 15.37 -6.17
C THR D 199 -4.40 13.97 -6.71
N PRO D 200 -5.36 13.78 -7.64
CA PRO D 200 -5.69 12.44 -8.12
C PRO D 200 -4.42 11.73 -8.54
N PRO D 201 -4.15 10.48 -8.09
CA PRO D 201 -5.16 9.60 -7.47
C PRO D 201 -5.43 9.66 -5.97
N CYS D 202 -4.78 10.57 -5.22
CA CYS D 202 -4.93 10.72 -3.77
C CYS D 202 -4.72 9.38 -3.04
N ALA D 203 -3.73 8.61 -3.48
CA ALA D 203 -3.44 7.32 -2.87
C ALA D 203 -2.90 7.53 -1.46
N GLN D 204 -3.26 6.60 -0.57
CA GLN D 204 -2.89 6.66 0.84
C GLN D 204 -1.57 5.92 1.03
N GLY D 205 -1.09 5.89 2.27
CA GLY D 205 0.13 5.23 2.65
C GLY D 205 1.35 6.17 2.54
N VAL D 206 1.08 7.46 2.35
CA VAL D 206 2.14 8.46 2.14
C VAL D 206 2.59 8.93 3.54
N ILE D 207 3.90 8.88 3.79
CA ILE D 207 4.43 9.47 5.00
C ILE D 207 4.78 10.95 4.77
N TRP D 208 4.00 11.81 5.43
CA TRP D 208 4.23 13.25 5.45
C TRP D 208 5.04 13.65 6.67
N THR D 209 6.11 14.42 6.40
CA THR D 209 6.94 15.11 7.36
C THR D 209 6.83 16.61 7.08
N VAL D 210 6.41 17.35 8.12
CA VAL D 210 6.21 18.79 8.02
C VAL D 210 7.15 19.45 9.03
N PHE D 211 8.14 20.18 8.50
CA PHE D 211 9.12 20.89 9.33
C PHE D 211 8.43 21.89 10.25
N GLN D 212 8.95 21.99 11.49
CA GLN D 212 8.53 23.04 12.40
C GLN D 212 9.07 24.40 11.94
N GLN D 213 10.36 24.44 11.57
CA GLN D 213 10.96 25.66 11.05
C GLN D 213 10.44 25.97 9.64
N THR D 214 10.25 27.27 9.36
CA THR D 214 9.82 27.73 8.06
C THR D 214 11.02 28.23 7.25
N VAL D 215 10.80 28.30 5.94
CA VAL D 215 11.73 28.89 4.98
C VAL D 215 11.23 30.31 4.65
N MET D 216 12.16 31.25 4.42
CA MET D 216 11.80 32.65 4.30
C MET D 216 12.17 33.17 2.90
N LEU D 217 11.20 33.78 2.23
CA LEU D 217 11.40 34.44 0.95
C LEU D 217 11.10 35.92 1.17
N SER D 218 11.63 36.78 0.30
CA SER D 218 11.29 38.21 0.31
C SER D 218 9.86 38.40 -0.15
N ALA D 219 9.28 39.55 0.20
CA ALA D 219 7.95 39.89 -0.27
C ALA D 219 7.92 39.81 -1.80
N LYS D 220 8.99 40.29 -2.44
CA LYS D 220 8.98 40.33 -3.90
C LYS D 220 8.90 38.90 -4.43
N GLN D 221 9.63 37.99 -3.77
CA GLN D 221 9.73 36.60 -4.18
C GLN D 221 8.37 35.95 -4.08
N LEU D 222 7.67 36.22 -2.98
CA LEU D 222 6.35 35.65 -2.79
C LEU D 222 5.39 36.23 -3.82
N HIS D 223 5.50 37.53 -4.12
CA HIS D 223 4.66 38.10 -5.17
C HIS D 223 5.00 37.43 -6.52
N THR D 224 6.29 37.21 -6.84
CA THR D 224 6.68 36.56 -8.09
C THR D 224 6.05 35.16 -8.17
N LEU D 225 6.02 34.43 -7.05
CA LEU D 225 5.48 33.08 -7.04
C LEU D 225 3.99 33.11 -7.36
N SER D 226 3.25 34.06 -6.76
CA SER D 226 1.79 34.05 -6.81
C SER D 226 1.25 34.74 -8.07
N ASP D 227 2.06 35.60 -8.67
CA ASP D 227 1.56 36.51 -9.69
C ASP D 227 2.07 36.16 -11.09
N THR D 228 2.89 35.12 -11.25
CA THR D 228 3.59 34.96 -12.53
C THR D 228 2.93 33.91 -13.42
N LEU D 229 2.38 32.82 -12.85
CA LEU D 229 2.03 31.67 -13.66
C LEU D 229 0.54 31.67 -13.97
N TRP D 230 0.22 31.06 -15.12
CA TRP D 230 -1.14 30.83 -15.61
C TRP D 230 -1.44 29.33 -15.62
N GLY D 231 -2.71 29.00 -15.39
CA GLY D 231 -3.15 27.62 -15.36
C GLY D 231 -4.29 27.39 -16.35
N PRO D 232 -5.24 26.47 -16.06
CA PRO D 232 -6.29 26.12 -17.03
C PRO D 232 -7.15 27.34 -17.35
N GLY D 233 -7.68 27.40 -18.59
CA GLY D 233 -8.46 28.54 -19.06
C GLY D 233 -7.58 29.73 -19.39
N ASP D 234 -8.11 30.95 -19.18
CA ASP D 234 -7.31 32.17 -19.22
C ASP D 234 -7.14 32.70 -17.79
N SER D 235 -6.82 31.78 -16.85
CA SER D 235 -6.87 32.03 -15.41
C SER D 235 -5.48 31.91 -14.77
N ARG D 236 -5.21 32.78 -13.81
CA ARG D 236 -3.98 32.79 -13.03
C ARG D 236 -3.84 31.51 -12.20
N LEU D 237 -2.62 30.92 -12.18
CA LEU D 237 -2.32 29.80 -11.30
C LEU D 237 -1.95 30.36 -9.91
N GLN D 238 -2.94 30.18 -9.01
CA GLN D 238 -3.02 30.79 -7.70
C GLN D 238 -3.93 29.92 -6.84
N LEU D 239 -3.78 30.03 -5.51
CA LEU D 239 -4.66 29.35 -4.56
C LEU D 239 -4.70 27.85 -4.86
N ASN D 240 -3.54 27.29 -5.24
CA ASN D 240 -3.40 25.92 -5.70
C ASN D 240 -3.12 25.00 -4.50
N PHE D 241 -4.11 24.94 -3.60
CA PHE D 241 -4.10 24.13 -2.40
C PHE D 241 -5.45 23.43 -2.21
N ARG D 242 -5.35 22.19 -1.73
CA ARG D 242 -6.51 21.40 -1.36
C ARG D 242 -6.94 21.82 0.03
N ALA D 243 -8.25 21.77 0.26
CA ALA D 243 -8.78 22.01 1.59
C ALA D 243 -8.21 20.99 2.56
N THR D 244 -8.06 21.44 3.79
CA THR D 244 -7.68 20.58 4.89
C THR D 244 -8.70 19.44 5.05
N GLN D 245 -8.16 18.24 5.33
CA GLN D 245 -8.87 16.99 5.42
C GLN D 245 -8.89 16.60 6.88
N PRO D 246 -9.99 15.97 7.36
CA PRO D 246 -10.05 15.56 8.76
C PRO D 246 -9.02 14.49 9.09
N LEU D 247 -8.47 14.52 10.31
CA LEU D 247 -7.52 13.51 10.72
C LEU D 247 -8.19 12.14 10.85
N ASN D 248 -9.47 12.14 11.25
CA ASN D 248 -10.28 10.93 11.32
C ASN D 248 -9.63 9.89 12.23
N GLY D 249 -9.04 10.33 13.36
CA GLY D 249 -8.51 9.43 14.39
C GLY D 249 -7.00 9.18 14.33
N ARG D 250 -6.36 9.49 13.19
CA ARG D 250 -4.91 9.52 13.12
C ARG D 250 -4.35 10.49 14.16
N VAL D 251 -3.21 10.10 14.75
CA VAL D 251 -2.45 10.93 15.65
C VAL D 251 -1.20 11.42 14.91
N ILE D 252 -1.05 12.75 14.78
CA ILE D 252 0.19 13.33 14.29
C ILE D 252 1.25 13.15 15.36
N GLU D 253 2.44 12.72 14.98
CA GLU D 253 3.56 12.64 15.89
C GLU D 253 4.46 13.86 15.70
N ALA D 254 5.25 14.14 16.75
CA ALA D 254 6.18 15.25 16.78
C ALA D 254 7.52 14.71 17.26
N SER D 255 8.62 15.22 16.70
CA SER D 255 9.97 14.82 17.09
C SER D 255 10.45 15.53 18.37
N PHE D 256 9.59 16.35 18.99
CA PHE D 256 9.92 17.21 20.11
C PHE D 256 8.72 17.32 21.02
N PRO D 257 8.95 17.46 22.34
CA PRO D 257 7.82 17.62 23.29
C PRO D 257 7.15 19.01 23.23
#